data_2Y25
#
_entry.id   2Y25
#
_cell.length_a   155.201
_cell.length_b   155.201
_cell.length_c   106.344
_cell.angle_alpha   90.00
_cell.angle_beta   90.00
_cell.angle_gamma   90.00
#
_symmetry.space_group_name_H-M   'P 42'
#
_entity_poly.entity_id   1
_entity_poly.type   'polypeptide(L)'
_entity_poly.pdbx_seq_one_letter_code
;GIDPFTGPHFVEYLSWEVTGECNVLLKCKVANIKKETHIVWYKDEREISVDEKHDFKDGICTLLITEFSKKDAGIYEVIL
KDDRGKDKSRLKLVDEAFKELMMEVCKKIALSATDLKIQSTAEGIQLYSFVTYYVEDLKVNWSHNGSAIRYSDRVKTGVT
GEQIWLQINEPTPNDKGKYVMELFDGKTGHQKTVDLSGQAYDEAYAEFQRLKQAAIAEKNRARVLGGLPDVVTIQEGKAL
NLTCNVWGDPPPEVSWLKNEKALASDDHCNLKFEAGRTAYFTINGVSTADSGKYGLVVKNKYGSETSDFTVSVFIPE
;
_entity_poly.pdbx_strand_id   A,B,C,D
#
# COMPACT_ATOMS: atom_id res chain seq x y z
N ILE A 2 -38.70 103.28 35.64
CA ILE A 2 -37.31 103.05 36.02
C ILE A 2 -36.44 104.23 35.59
N ASP A 3 -35.12 104.07 35.66
CA ASP A 3 -34.20 105.17 35.39
C ASP A 3 -32.74 104.82 35.62
N PRO A 4 -31.92 104.87 34.56
CA PRO A 4 -30.49 104.77 34.82
C PRO A 4 -30.04 105.95 35.69
N PHE A 5 -29.28 105.67 36.75
CA PHE A 5 -28.78 104.32 36.99
C PHE A 5 -29.48 103.57 38.14
N THR A 6 -28.82 103.47 39.29
CA THR A 6 -29.30 102.69 40.42
C THR A 6 -29.85 101.34 39.97
N GLY A 7 -28.96 100.35 39.88
CA GLY A 7 -29.33 99.04 39.40
C GLY A 7 -30.55 98.47 40.08
N PRO A 8 -31.36 97.69 39.32
CA PRO A 8 -32.56 97.05 39.85
C PRO A 8 -32.30 96.54 41.25
N HIS A 9 -33.05 97.04 42.22
CA HIS A 9 -32.79 96.73 43.62
C HIS A 9 -33.59 95.55 44.12
N PHE A 10 -33.06 94.89 45.16
CA PHE A 10 -33.81 93.92 45.94
C PHE A 10 -34.44 94.65 47.15
N VAL A 11 -35.77 94.87 47.14
CA VAL A 11 -36.44 95.51 48.29
C VAL A 11 -36.55 94.56 49.48
N GLU A 12 -36.84 93.29 49.19
CA GLU A 12 -36.87 92.21 50.19
C GLU A 12 -36.03 91.01 49.70
N TYR A 13 -35.19 90.46 50.58
CA TYR A 13 -34.27 89.38 50.21
C TYR A 13 -34.94 88.00 50.26
N LEU A 14 -34.23 86.96 49.81
CA LEU A 14 -34.81 85.61 49.63
C LEU A 14 -35.38 84.97 50.91
N SER A 15 -36.71 84.89 50.99
CA SER A 15 -37.38 84.19 52.07
C SER A 15 -38.33 83.15 51.48
N TRP A 16 -38.79 82.21 52.30
CA TRP A 16 -39.64 81.14 51.80
C TRP A 16 -41.00 81.00 52.49
N GLU A 17 -41.75 79.98 52.07
CA GLU A 17 -43.03 79.63 52.66
C GLU A 17 -43.45 78.24 52.16
N VAL A 18 -44.50 77.67 52.76
CA VAL A 18 -45.02 76.36 52.34
C VAL A 18 -46.49 76.50 51.90
N THR A 19 -46.75 76.38 50.60
CA THR A 19 -48.07 76.64 50.01
C THR A 19 -48.64 75.46 49.22
N GLY A 20 -49.97 75.34 49.20
CA GLY A 20 -50.64 74.30 48.45
C GLY A 20 -50.25 72.90 48.86
N GLU A 21 -50.17 72.00 47.89
CA GLU A 21 -49.84 70.61 48.16
C GLU A 21 -48.36 70.42 48.47
N CYS A 22 -47.91 71.01 49.59
CA CYS A 22 -46.50 70.91 50.00
C CYS A 22 -45.49 71.28 48.91
N ASN A 23 -45.79 72.35 48.20
CA ASN A 23 -44.82 72.99 47.32
C ASN A 23 -44.11 74.08 48.10
N VAL A 24 -42.80 74.19 47.95
CA VAL A 24 -42.06 75.28 48.60
C VAL A 24 -42.01 76.49 47.66
N LEU A 25 -42.18 77.68 48.23
CA LEU A 25 -42.09 78.93 47.47
C LEU A 25 -40.89 79.78 47.89
N LEU A 26 -40.04 80.08 46.92
CA LEU A 26 -38.96 81.05 47.09
C LEU A 26 -39.45 82.44 46.66
N LYS A 27 -39.55 83.35 47.63
CA LYS A 27 -40.11 84.68 47.39
C LYS A 27 -39.05 85.80 47.36
N CYS A 28 -39.38 86.89 46.68
CA CYS A 28 -38.53 88.08 46.66
C CYS A 28 -39.29 89.28 46.06
N LYS A 29 -38.92 90.48 46.47
CA LYS A 29 -39.54 91.71 45.94
C LYS A 29 -38.50 92.60 45.27
N VAL A 30 -38.51 92.64 43.94
CA VAL A 30 -37.56 93.41 43.14
C VAL A 30 -38.13 94.77 42.67
N ALA A 31 -37.25 95.75 42.44
CA ALA A 31 -37.66 97.07 41.99
C ALA A 31 -36.72 97.64 40.96
N ASN A 32 -37.21 98.63 40.20
CA ASN A 32 -36.38 99.34 39.22
C ASN A 32 -36.00 98.49 38.03
N ILE A 33 -36.83 97.48 37.78
CA ILE A 33 -36.64 96.60 36.63
C ILE A 33 -36.94 97.35 35.33
N LYS A 34 -36.25 96.97 34.26
CA LYS A 34 -36.62 97.41 32.92
C LYS A 34 -36.86 96.16 32.08
N LYS A 35 -37.64 96.29 31.01
CA LYS A 35 -37.93 95.15 30.15
C LYS A 35 -36.67 94.59 29.48
N GLU A 36 -35.56 95.30 29.65
CA GLU A 36 -34.26 94.86 29.14
C GLU A 36 -33.42 94.24 30.24
N THR A 37 -34.08 93.86 31.34
CA THR A 37 -33.41 93.30 32.52
C THR A 37 -33.44 91.77 32.49
N HIS A 38 -32.42 91.14 33.08
CA HIS A 38 -32.34 89.67 33.17
C HIS A 38 -32.60 89.20 34.62
N ILE A 39 -33.34 88.09 34.79
CA ILE A 39 -33.58 87.48 36.11
C ILE A 39 -33.23 86.00 36.12
N VAL A 40 -32.05 85.69 36.64
CA VAL A 40 -31.55 84.32 36.65
C VAL A 40 -31.66 83.76 38.06
N TRP A 41 -31.92 82.46 38.18
CA TRP A 41 -32.00 81.80 39.48
C TRP A 41 -30.85 80.81 39.62
N TYR A 42 -30.33 80.64 40.83
CA TYR A 42 -29.17 79.78 41.02
C TYR A 42 -29.21 78.83 42.23
N LYS A 43 -29.04 77.53 41.96
CA LYS A 43 -28.89 76.55 43.04
C LYS A 43 -27.47 75.96 43.04
N ASP A 44 -26.72 76.24 44.11
CA ASP A 44 -25.33 75.79 44.22
C ASP A 44 -24.50 76.14 42.97
N GLU A 45 -24.38 77.44 42.69
CA GLU A 45 -23.58 77.96 41.59
C GLU A 45 -23.98 77.49 40.17
N ARG A 46 -25.14 76.84 40.05
CA ARG A 46 -25.59 76.33 38.75
C ARG A 46 -26.97 76.86 38.33
N GLU A 47 -27.07 77.34 37.09
CA GLU A 47 -28.28 77.93 36.52
C GLU A 47 -29.54 77.03 36.48
N ILE A 48 -30.59 77.50 37.16
CA ILE A 48 -31.93 76.91 37.04
C ILE A 48 -32.81 77.85 36.20
N SER A 49 -33.42 77.30 35.15
CA SER A 49 -34.21 78.10 34.22
C SER A 49 -35.71 77.94 34.44
N VAL A 50 -36.39 79.05 34.68
CA VAL A 50 -37.83 79.03 34.84
C VAL A 50 -38.47 79.02 33.46
N ASP A 51 -39.05 80.14 33.08
CA ASP A 51 -39.63 80.29 31.75
C ASP A 51 -38.57 80.88 30.82
N GLU A 52 -38.61 82.19 30.67
CA GLU A 52 -37.63 82.90 29.86
C GLU A 52 -37.43 84.32 30.38
N LYS A 53 -36.31 84.55 31.05
CA LYS A 53 -36.00 85.86 31.59
C LYS A 53 -35.00 86.58 30.69
N GLY A 59 -42.69 93.54 41.72
CA GLY A 59 -41.73 92.67 42.36
C GLY A 59 -42.22 91.23 42.47
N ILE A 60 -42.67 90.69 41.35
CA ILE A 60 -43.25 89.35 41.33
C ILE A 60 -42.34 88.33 40.65
N CYS A 61 -41.33 87.83 41.38
CA CYS A 61 -40.55 86.71 40.90
C CYS A 61 -40.71 85.53 41.87
N THR A 62 -40.82 84.32 41.31
CA THR A 62 -41.11 83.12 42.08
C THR A 62 -40.43 81.88 41.48
N LEU A 63 -40.10 80.92 42.32
CA LEU A 63 -39.57 79.64 41.85
C LEU A 63 -40.29 78.49 42.55
N LEU A 64 -40.88 77.57 41.79
CA LEU A 64 -41.65 76.46 42.39
C LEU A 64 -40.83 75.19 42.56
N ILE A 65 -40.83 74.63 43.77
CA ILE A 65 -40.16 73.38 44.04
C ILE A 65 -41.17 72.23 44.18
N THR A 66 -41.16 71.32 43.20
CA THR A 66 -42.13 70.23 43.17
C THR A 66 -41.61 68.99 43.89
N GLU A 67 -42.52 68.29 44.56
CA GLU A 67 -42.15 67.10 45.29
C GLU A 67 -40.84 67.31 46.05
N PHE A 68 -40.80 68.34 46.88
CA PHE A 68 -39.63 68.66 47.68
C PHE A 68 -38.94 67.40 48.24
N SER A 69 -37.61 67.44 48.32
CA SER A 69 -36.81 66.32 48.85
C SER A 69 -35.44 66.77 49.37
N LYS A 70 -34.55 65.81 49.62
CA LYS A 70 -33.19 66.11 50.09
C LYS A 70 -32.29 66.66 48.98
N LYS A 71 -32.66 66.32 47.74
CA LYS A 71 -31.94 66.72 46.53
C LYS A 71 -32.09 68.21 46.20
N ASP A 72 -33.28 68.76 46.48
CA ASP A 72 -33.55 70.17 46.24
C ASP A 72 -32.75 71.06 47.19
N ALA A 73 -31.80 70.46 47.91
CA ALA A 73 -30.98 71.19 48.86
C ALA A 73 -29.73 71.81 48.21
N GLY A 74 -29.18 72.84 48.83
CA GLY A 74 -28.05 73.57 48.27
C GLY A 74 -28.29 75.06 48.39
N ILE A 75 -27.36 75.88 47.89
CA ILE A 75 -27.47 77.34 48.03
C ILE A 75 -28.21 77.99 46.87
N TYR A 76 -29.15 78.87 47.19
CA TYR A 76 -29.93 79.54 46.16
C TYR A 76 -29.55 81.03 46.01
N GLU A 77 -29.52 81.51 44.76
CA GLU A 77 -29.28 82.91 44.46
C GLU A 77 -30.16 83.36 43.29
N VAL A 78 -30.70 84.57 43.37
CA VAL A 78 -31.43 85.17 42.27
C VAL A 78 -30.79 86.52 41.92
N ILE A 79 -30.05 86.53 40.81
CA ILE A 79 -29.29 87.72 40.37
C ILE A 79 -30.06 88.62 39.38
N LEU A 80 -30.00 89.94 39.60
CA LEU A 80 -30.68 90.92 38.72
C LEU A 80 -29.65 91.82 38.05
N LYS A 81 -29.61 91.86 36.72
CA LYS A 81 -28.61 92.67 36.02
C LYS A 81 -28.97 93.11 34.60
N ASP A 82 -28.57 94.32 34.23
CA ASP A 82 -28.64 94.78 32.84
C ASP A 82 -27.38 95.58 32.53
N ASP A 83 -27.51 96.70 31.84
CA ASP A 83 -26.35 97.57 31.64
C ASP A 83 -26.28 98.67 32.71
N ARG A 84 -27.38 98.88 33.42
CA ARG A 84 -27.48 99.93 34.45
C ARG A 84 -26.94 99.50 35.83
N GLY A 85 -27.09 98.23 36.19
CA GLY A 85 -26.58 97.72 37.45
C GLY A 85 -26.97 96.29 37.78
N LYS A 86 -26.09 95.60 38.49
CA LYS A 86 -26.33 94.21 38.91
C LYS A 86 -26.49 94.08 40.44
N ASP A 87 -27.47 93.29 40.88
CA ASP A 87 -27.70 93.05 42.32
C ASP A 87 -27.98 91.56 42.64
N LYS A 88 -27.43 91.08 43.75
CA LYS A 88 -27.57 89.67 44.13
C LYS A 88 -28.25 89.48 45.48
N SER A 89 -29.04 88.42 45.59
CA SER A 89 -29.60 87.98 46.86
C SER A 89 -29.20 86.52 47.05
N ARG A 90 -29.10 86.09 48.30
CA ARG A 90 -28.77 84.69 48.56
C ARG A 90 -29.74 84.07 49.56
N LEU A 91 -30.11 82.82 49.28
CA LEU A 91 -30.81 82.00 50.25
C LEU A 91 -29.98 80.75 50.53
N LYS A 92 -29.18 80.79 51.60
CA LYS A 92 -28.27 79.69 51.91
C LYS A 92 -29.01 78.54 52.62
N LEU A 93 -28.94 77.35 52.01
CA LEU A 93 -29.64 76.17 52.52
C LEU A 93 -28.74 74.94 52.65
N VAL A 94 -28.00 74.88 53.76
CA VAL A 94 -27.25 73.70 54.16
C VAL A 94 -27.15 73.72 55.69
N ASP A 95 -26.90 72.57 56.29
CA ASP A 95 -26.78 72.48 57.75
C ASP A 95 -28.06 72.96 58.45
N GLU A 96 -27.89 73.57 59.63
CA GLU A 96 -29.00 73.96 60.51
C GLU A 96 -30.16 74.70 59.84
N ALA A 97 -29.84 75.64 58.95
CA ALA A 97 -30.86 76.44 58.28
C ALA A 97 -31.77 75.57 57.42
N PHE A 98 -31.27 74.41 57.02
CA PHE A 98 -32.03 73.45 56.21
C PHE A 98 -32.74 72.43 57.09
N LYS A 99 -32.20 72.18 58.28
CA LYS A 99 -32.81 71.25 59.23
C LYS A 99 -34.15 71.78 59.74
N GLU A 100 -34.33 73.10 59.62
CA GLU A 100 -35.58 73.75 60.01
C GLU A 100 -36.57 73.86 58.85
N LEU A 101 -36.08 73.70 57.63
CA LEU A 101 -36.96 73.71 56.46
C LEU A 101 -37.68 72.38 56.33
N MET A 102 -36.95 71.30 56.58
CA MET A 102 -37.51 69.96 56.53
C MET A 102 -38.65 69.80 57.54
N MET A 103 -38.39 70.18 58.79
CA MET A 103 -39.38 70.03 59.86
C MET A 103 -40.57 70.97 59.72
N GLU A 104 -40.46 71.97 58.84
CA GLU A 104 -41.56 72.90 58.62
C GLU A 104 -42.40 72.47 57.43
N VAL A 105 -41.77 71.83 56.46
CA VAL A 105 -42.50 71.24 55.36
C VAL A 105 -43.25 70.03 55.88
N CYS A 106 -42.69 69.41 56.92
CA CYS A 106 -43.32 68.27 57.58
C CYS A 106 -44.51 68.68 58.45
N LYS A 107 -44.34 69.74 59.24
CA LYS A 107 -45.44 70.32 60.01
C LYS A 107 -46.71 70.44 59.15
N LYS A 108 -46.59 71.10 58.00
CA LYS A 108 -47.73 71.24 57.10
C LYS A 108 -48.28 69.87 56.67
N ILE A 109 -47.39 68.89 56.49
CA ILE A 109 -47.79 67.55 56.06
C ILE A 109 -48.64 66.85 57.12
N ALA A 110 -48.01 66.51 58.24
CA ALA A 110 -48.69 65.86 59.36
C ALA A 110 -50.05 66.50 59.66
N LEU A 111 -50.08 67.82 59.70
CA LEU A 111 -51.27 68.57 60.10
C LEU A 111 -52.44 68.43 59.15
N SER A 112 -52.41 67.42 58.28
CA SER A 112 -53.48 67.27 57.30
C SER A 112 -53.48 65.89 56.64
N ALA A 113 -54.19 64.95 57.28
CA ALA A 113 -54.40 63.58 56.79
C ALA A 113 -55.79 63.08 57.26
N THR A 114 -56.54 62.44 56.36
CA THR A 114 -57.90 61.98 56.70
C THR A 114 -57.91 61.07 57.92
N ASP A 115 -59.08 60.90 58.53
CA ASP A 115 -59.22 59.98 59.66
C ASP A 115 -58.87 58.56 59.24
N LEU A 116 -58.05 57.90 60.04
CA LEU A 116 -57.71 56.51 59.82
C LEU A 116 -58.95 55.75 59.36
N LYS A 117 -58.77 54.86 58.40
CA LYS A 117 -59.87 54.05 57.93
C LYS A 117 -59.45 52.61 57.90
N ILE A 118 -60.44 51.72 57.97
CA ILE A 118 -60.17 50.29 58.01
C ILE A 118 -60.68 49.62 56.73
N GLN A 119 -59.95 48.61 56.29
CA GLN A 119 -60.17 48.03 54.98
C GLN A 119 -59.71 46.59 55.04
N SER A 120 -60.48 45.72 54.42
CA SER A 120 -60.13 44.33 54.39
C SER A 120 -59.59 44.03 53.01
N THR A 121 -58.48 43.29 52.96
CA THR A 121 -57.91 42.88 51.68
C THR A 121 -58.09 41.38 51.69
N ALA A 122 -57.84 40.77 50.54
CA ALA A 122 -57.91 39.32 50.43
C ALA A 122 -56.88 38.65 51.36
N GLU A 123 -55.85 39.40 51.73
CA GLU A 123 -54.71 38.90 52.51
C GLU A 123 -54.80 39.15 54.02
N GLY A 124 -55.52 40.20 54.42
CA GLY A 124 -55.63 40.59 55.82
C GLY A 124 -56.52 41.78 56.19
N ILE A 125 -56.05 42.60 57.14
CA ILE A 125 -56.79 43.79 57.59
C ILE A 125 -55.93 45.04 57.55
N GLN A 126 -56.49 46.12 57.00
CA GLN A 126 -55.72 47.32 56.66
C GLN A 126 -56.13 48.60 57.34
N LEU A 127 -55.18 49.24 57.99
CA LEU A 127 -55.38 50.62 58.45
C LEU A 127 -54.64 51.56 57.50
N TYR A 128 -55.19 52.74 57.26
CA TYR A 128 -54.55 53.62 56.29
C TYR A 128 -55.01 55.06 56.38
N SER A 129 -54.09 55.98 56.10
CA SER A 129 -54.41 57.41 56.01
C SER A 129 -53.83 58.04 54.72
N PHE A 130 -54.57 58.99 54.15
CA PHE A 130 -54.15 59.67 52.94
C PHE A 130 -53.51 61.02 53.22
N VAL A 131 -52.22 61.17 52.90
CA VAL A 131 -51.57 62.47 52.97
C VAL A 131 -51.78 63.23 51.67
N THR A 132 -52.52 64.32 51.72
CA THR A 132 -52.75 65.16 50.54
C THR A 132 -51.41 65.68 49.97
N TYR A 133 -50.34 64.98 50.34
CA TYR A 133 -48.97 65.37 50.04
C TYR A 133 -48.05 64.17 49.84
N TYR A 134 -46.84 64.29 50.37
CA TYR A 134 -45.75 63.39 50.05
C TYR A 134 -45.08 62.89 51.31
N VAL A 135 -44.65 61.64 51.27
CA VAL A 135 -43.73 61.13 52.28
C VAL A 135 -42.40 60.91 51.60
N GLU A 136 -41.34 61.58 52.08
CA GLU A 136 -40.00 61.28 51.60
C GLU A 136 -39.16 60.64 52.70
N ASP A 137 -38.72 61.43 53.66
CA ASP A 137 -38.00 60.92 54.82
C ASP A 137 -38.75 61.35 56.07
N LEU A 138 -39.97 60.85 56.23
CA LEU A 138 -40.82 61.20 57.36
C LEU A 138 -40.91 60.04 58.36
N LYS A 139 -40.68 60.34 59.64
CA LYS A 139 -40.61 59.32 60.68
C LYS A 139 -41.95 58.62 60.96
N VAL A 140 -41.92 57.29 60.88
CA VAL A 140 -43.12 56.45 61.03
C VAL A 140 -43.27 55.81 62.40
N ASN A 141 -44.40 56.03 63.05
CA ASN A 141 -44.66 55.41 64.34
C ASN A 141 -45.97 54.64 64.41
N TRP A 142 -45.86 53.32 64.29
CA TRP A 142 -47.00 52.42 64.48
C TRP A 142 -46.89 51.68 65.80
N SER A 143 -47.77 52.01 66.73
CA SER A 143 -47.75 51.39 68.04
C SER A 143 -49.07 50.67 68.30
N HIS A 144 -48.98 49.46 68.85
CA HIS A 144 -50.17 48.67 69.11
C HIS A 144 -50.48 48.58 70.60
N ASN A 145 -51.46 49.34 71.06
CA ASN A 145 -51.84 49.39 72.47
C ASN A 145 -50.83 50.15 73.33
N GLY A 146 -50.24 51.21 72.76
CA GLY A 146 -49.29 52.03 73.48
C GLY A 146 -47.91 51.42 73.47
N SER A 147 -47.70 50.44 72.59
CA SER A 147 -46.45 49.72 72.52
C SER A 147 -45.89 49.63 71.10
N ALA A 148 -44.58 49.77 70.99
CA ALA A 148 -43.90 49.60 69.72
C ALA A 148 -44.31 48.26 69.14
N ILE A 149 -44.63 48.25 67.86
CA ILE A 149 -45.07 47.03 67.26
C ILE A 149 -43.90 46.18 66.81
N ARG A 150 -43.88 44.92 67.23
CA ARG A 150 -42.92 43.96 66.70
C ARG A 150 -43.25 43.61 65.23
N TYR A 151 -42.53 44.24 64.31
CA TYR A 151 -42.73 43.96 62.88
C TYR A 151 -42.10 42.63 62.46
N SER A 152 -42.90 41.70 61.96
CA SER A 152 -42.39 40.39 61.54
C SER A 152 -42.61 40.05 60.06
N ASP A 153 -42.91 38.80 59.75
CA ASP A 153 -43.32 38.41 58.41
C ASP A 153 -44.86 38.34 58.31
N ARG A 154 -45.54 38.91 59.31
CA ARG A 154 -47.02 38.92 59.42
C ARG A 154 -47.56 40.35 59.57
N VAL A 155 -46.77 41.19 60.24
CA VAL A 155 -47.18 42.55 60.53
C VAL A 155 -46.17 43.57 60.00
N LYS A 156 -46.42 44.07 58.78
CA LYS A 156 -45.56 45.09 58.18
C LYS A 156 -46.19 46.48 58.24
N THR A 157 -45.35 47.51 58.37
CA THR A 157 -45.80 48.88 58.15
C THR A 157 -45.18 49.41 56.87
N GLY A 158 -45.67 50.55 56.39
CA GLY A 158 -45.13 51.14 55.18
C GLY A 158 -45.95 52.27 54.63
N VAL A 159 -45.56 52.71 53.43
CA VAL A 159 -46.13 53.87 52.78
C VAL A 159 -45.94 53.87 51.27
N THR A 160 -47.06 53.90 50.54
CA THR A 160 -47.03 53.78 49.09
C THR A 160 -47.81 54.89 48.38
N GLY A 161 -47.10 55.73 47.64
CA GLY A 161 -47.69 56.80 46.86
C GLY A 161 -48.90 57.47 47.50
N GLU A 162 -48.66 58.59 48.18
CA GLU A 162 -49.74 59.37 48.76
C GLU A 162 -50.41 58.67 49.96
N GLN A 163 -49.97 57.45 50.31
CA GLN A 163 -50.68 56.64 51.32
C GLN A 163 -49.79 55.93 52.36
N ILE A 164 -50.20 56.02 53.63
CA ILE A 164 -49.53 55.31 54.72
C ILE A 164 -50.38 54.15 55.16
N TRP A 165 -49.78 53.12 55.74
CA TRP A 165 -50.56 51.97 56.16
C TRP A 165 -49.88 51.03 57.12
N LEU A 166 -50.70 50.11 57.63
CA LEU A 166 -50.28 49.02 58.49
C LEU A 166 -50.97 47.71 58.07
N GLN A 167 -50.16 46.78 57.54
CA GLN A 167 -50.67 45.53 57.01
C GLN A 167 -50.71 44.43 58.06
N ILE A 168 -51.91 43.98 58.38
CA ILE A 168 -52.09 42.94 59.38
C ILE A 168 -52.55 41.68 58.69
N ASN A 169 -51.58 40.94 58.15
CA ASN A 169 -51.88 39.69 57.50
C ASN A 169 -52.59 38.78 58.47
N GLU A 170 -53.23 37.75 57.96
CA GLU A 170 -53.89 36.74 58.79
C GLU A 170 -54.16 37.25 60.21
N PRO A 171 -55.18 38.09 60.35
CA PRO A 171 -55.44 38.70 61.66
C PRO A 171 -56.17 37.74 62.59
N THR A 172 -55.75 37.75 63.85
CA THR A 172 -56.52 37.15 64.93
C THR A 172 -57.19 38.31 65.64
N PRO A 173 -57.94 38.02 66.71
CA PRO A 173 -58.54 39.03 67.61
C PRO A 173 -57.47 39.56 68.54
N ASN A 174 -56.36 38.85 68.59
CA ASN A 174 -55.19 39.27 69.34
C ASN A 174 -54.59 40.52 68.71
N ASP A 175 -54.85 40.70 67.41
CA ASP A 175 -54.42 41.90 66.71
C ASP A 175 -55.39 43.04 66.99
N LYS A 176 -56.40 42.77 67.82
CA LYS A 176 -57.39 43.78 68.16
C LYS A 176 -56.81 44.77 69.18
N GLY A 177 -57.21 46.04 69.10
CA GLY A 177 -56.71 47.05 70.01
C GLY A 177 -56.40 48.42 69.42
N LYS A 178 -55.99 49.36 70.28
CA LYS A 178 -55.76 50.76 69.90
C LYS A 178 -54.39 51.02 69.27
N TYR A 179 -54.38 51.03 67.94
CA TYR A 179 -53.17 51.32 67.18
C TYR A 179 -52.94 52.82 67.15
N VAL A 180 -51.67 53.22 67.09
CA VAL A 180 -51.33 54.62 67.00
C VAL A 180 -50.49 54.87 65.76
N MET A 181 -50.60 56.06 65.20
CA MET A 181 -49.74 56.46 64.10
C MET A 181 -49.23 57.87 64.33
N GLU A 182 -48.05 57.97 64.90
CA GLU A 182 -47.44 59.26 65.19
C GLU A 182 -46.55 59.71 64.04
N LEU A 183 -46.80 60.93 63.55
CA LEU A 183 -45.97 61.53 62.50
C LEU A 183 -45.03 62.51 63.19
N PHE A 184 -43.73 62.32 63.00
CA PHE A 184 -42.78 63.12 63.77
C PHE A 184 -41.94 64.08 62.94
N ASP A 185 -42.26 65.37 63.05
CA ASP A 185 -41.54 66.43 62.36
C ASP A 185 -40.81 67.33 63.35
N GLY A 186 -39.53 67.04 63.56
CA GLY A 186 -38.73 67.78 64.52
C GLY A 186 -39.29 67.65 65.93
N LYS A 187 -39.28 68.76 66.66
CA LYS A 187 -39.82 68.77 68.01
C LYS A 187 -41.33 68.99 68.00
N THR A 188 -42.04 68.18 67.22
CA THR A 188 -43.50 68.24 67.14
C THR A 188 -44.08 66.87 66.84
N GLY A 189 -45.30 66.60 67.32
CA GLY A 189 -45.93 65.32 67.09
C GLY A 189 -47.43 65.38 66.92
N HIS A 190 -47.87 65.24 65.67
CA HIS A 190 -49.30 65.12 65.38
C HIS A 190 -49.61 63.66 65.07
N GLN A 191 -50.51 63.04 65.82
CA GLN A 191 -50.76 61.61 65.65
C GLN A 191 -52.23 61.23 65.37
N LYS A 192 -52.43 60.00 64.89
CA LYS A 192 -53.77 59.48 64.59
C LYS A 192 -54.01 58.12 65.22
N THR A 193 -55.07 58.01 66.03
CA THR A 193 -55.42 56.75 66.70
C THR A 193 -56.62 56.09 66.04
N VAL A 194 -56.81 54.81 66.34
CA VAL A 194 -58.01 54.10 65.89
C VAL A 194 -58.13 52.74 66.57
N ASP A 195 -59.31 52.44 67.07
CA ASP A 195 -59.52 51.28 67.93
C ASP A 195 -60.12 50.11 67.16
N LEU A 196 -59.31 49.08 66.93
CA LEU A 196 -59.82 47.89 66.28
C LEU A 196 -60.49 47.02 67.33
N SER A 197 -61.81 47.15 67.45
CA SER A 197 -62.59 46.28 68.32
C SER A 197 -64.04 46.20 67.90
N GLY A 198 -64.69 45.12 68.35
CA GLY A 198 -66.13 45.01 68.32
C GLY A 198 -66.75 45.06 66.95
N GLN A 199 -67.82 45.82 66.82
CA GLN A 199 -68.62 45.82 65.61
C GLN A 199 -67.82 46.26 64.38
N ALA A 200 -66.87 47.17 64.56
CA ALA A 200 -66.06 47.58 63.42
C ALA A 200 -65.31 46.38 62.84
N TYR A 201 -64.60 45.69 63.72
CA TYR A 201 -63.86 44.47 63.40
C TYR A 201 -64.80 43.35 62.93
N ASP A 202 -65.86 43.10 63.70
CA ASP A 202 -66.88 42.12 63.31
C ASP A 202 -67.10 42.11 61.80
N GLU A 203 -67.23 43.30 61.19
CA GLU A 203 -67.43 43.44 59.74
C GLU A 203 -66.14 43.30 58.96
N ALA A 204 -65.10 43.95 59.44
CA ALA A 204 -63.83 44.02 58.74
C ALA A 204 -63.30 42.64 58.57
N TYR A 205 -62.97 42.01 59.68
CA TYR A 205 -62.56 40.61 59.65
C TYR A 205 -63.60 39.76 58.89
N ALA A 206 -64.88 39.98 59.20
CA ALA A 206 -65.99 39.33 58.50
C ALA A 206 -65.67 39.17 57.05
N GLU A 207 -65.54 40.33 56.41
CA GLU A 207 -65.22 40.44 55.00
C GLU A 207 -63.87 39.84 54.68
N PHE A 208 -62.83 40.27 55.36
CA PHE A 208 -61.50 39.74 55.06
C PHE A 208 -61.50 38.25 54.81
N GLN A 209 -62.28 37.51 55.58
CA GLN A 209 -62.32 36.08 55.36
C GLN A 209 -62.99 35.75 54.03
N ARG A 210 -64.18 36.28 53.82
CA ARG A 210 -64.82 36.12 52.53
C ARG A 210 -63.86 36.24 51.37
N LEU A 211 -63.12 37.34 51.31
CA LEU A 211 -62.19 37.57 50.22
C LEU A 211 -61.07 36.52 50.14
N LYS A 212 -60.76 35.93 51.30
CA LYS A 212 -59.70 34.91 51.41
C LYS A 212 -60.27 33.66 50.84
N GLN A 213 -61.25 33.09 51.53
CA GLN A 213 -61.82 31.85 51.05
C GLN A 213 -62.08 31.99 49.56
N ALA A 214 -62.67 33.11 49.19
CA ALA A 214 -63.02 33.33 47.79
C ALA A 214 -61.83 33.41 46.87
N ALA A 215 -60.70 33.85 47.38
CA ALA A 215 -59.52 33.96 46.54
C ALA A 215 -58.89 32.60 46.38
N ILE A 216 -59.11 31.75 47.38
CA ILE A 216 -58.52 30.40 47.41
C ILE A 216 -59.12 29.66 46.25
N ALA A 217 -60.43 29.75 46.17
CA ALA A 217 -61.25 29.19 45.10
C ALA A 217 -60.93 29.73 43.70
N GLU A 218 -60.96 31.05 43.51
CA GLU A 218 -60.68 31.57 42.18
C GLU A 218 -59.20 31.41 41.89
N LYS A 219 -58.71 30.21 42.04
CA LYS A 219 -57.31 30.01 41.91
C LYS A 219 -56.98 28.54 41.94
N ASN A 220 -58.01 27.73 42.20
CA ASN A 220 -57.90 26.29 42.22
C ASN A 220 -59.16 25.69 41.67
N ARG A 221 -60.23 26.45 41.56
CA ARG A 221 -61.40 25.83 40.96
C ARG A 221 -60.88 25.31 39.66
N ALA A 222 -61.26 24.10 39.34
CA ALA A 222 -60.75 23.49 38.16
C ALA A 222 -61.14 24.41 37.01
N ARG A 223 -60.17 25.09 36.39
CA ARG A 223 -60.43 25.78 35.11
C ARG A 223 -60.01 24.91 33.89
N VAL A 224 -60.64 25.12 32.74
CA VAL A 224 -60.17 24.56 31.48
C VAL A 224 -59.26 25.58 30.85
N LEU A 225 -58.00 25.18 30.68
CA LEU A 225 -56.95 26.08 30.25
C LEU A 225 -57.02 26.51 28.80
N GLY A 226 -56.88 25.56 27.87
CA GLY A 226 -57.04 25.91 26.47
C GLY A 226 -56.45 24.93 25.51
N GLY A 227 -57.10 24.80 24.36
CA GLY A 227 -56.61 23.96 23.29
C GLY A 227 -57.70 23.50 22.35
N LEU A 228 -58.95 23.62 22.77
CA LEU A 228 -60.04 23.15 21.92
C LEU A 228 -60.59 24.28 21.04
N PRO A 229 -61.10 23.89 19.87
CA PRO A 229 -61.77 24.71 18.86
C PRO A 229 -63.18 24.86 19.32
N ASP A 230 -64.02 25.52 18.53
CA ASP A 230 -65.40 25.72 18.93
C ASP A 230 -66.20 24.96 17.95
N VAL A 231 -65.62 24.81 16.76
CA VAL A 231 -66.18 23.95 15.74
C VAL A 231 -65.13 23.46 14.78
N VAL A 232 -65.09 22.13 14.65
CA VAL A 232 -64.25 21.45 13.68
C VAL A 232 -65.11 20.84 12.59
N THR A 233 -64.55 20.81 11.41
CA THR A 233 -65.22 20.28 10.27
C THR A 233 -64.21 19.41 9.57
N ILE A 234 -64.64 18.20 9.26
CA ILE A 234 -63.71 17.22 8.77
C ILE A 234 -64.47 16.41 7.74
N GLN A 235 -63.79 15.87 6.75
CA GLN A 235 -64.54 15.01 5.86
C GLN A 235 -64.60 13.58 6.37
N GLU A 236 -65.77 12.96 6.16
CA GLU A 236 -66.10 11.61 6.64
C GLU A 236 -64.92 10.73 6.42
N GLY A 237 -64.53 10.01 7.46
CA GLY A 237 -63.47 9.03 7.28
C GLY A 237 -62.07 9.39 7.72
N LYS A 238 -61.74 10.68 7.84
CA LYS A 238 -60.41 11.01 8.30
C LYS A 238 -60.43 10.98 9.82
N ALA A 239 -59.27 11.06 10.45
CA ALA A 239 -59.21 11.01 11.92
C ALA A 239 -58.90 12.34 12.58
N LEU A 240 -59.49 12.53 13.74
CA LEU A 240 -59.49 13.82 14.40
C LEU A 240 -58.65 13.80 15.69
N ASN A 241 -57.89 14.86 15.91
CA ASN A 241 -57.02 14.84 17.06
C ASN A 241 -56.97 16.13 17.86
N LEU A 242 -58.00 16.32 18.71
CA LEU A 242 -58.06 17.46 19.62
C LEU A 242 -57.41 17.11 20.91
N THR A 243 -57.10 18.15 21.67
CA THR A 243 -56.45 17.99 22.95
C THR A 243 -56.75 19.24 23.66
N CYS A 244 -56.26 19.35 24.88
CA CYS A 244 -56.80 20.35 25.76
C CYS A 244 -56.22 20.22 27.11
N ASN A 245 -55.52 21.24 27.61
CA ASN A 245 -54.91 21.10 28.93
C ASN A 245 -55.85 21.71 29.94
N VAL A 246 -55.90 21.07 31.12
CA VAL A 246 -56.80 21.47 32.19
C VAL A 246 -56.01 21.81 33.44
N TRP A 247 -56.67 22.24 34.49
CA TRP A 247 -55.93 22.45 35.71
C TRP A 247 -56.82 22.59 36.91
N GLY A 248 -56.28 22.24 38.06
CA GLY A 248 -57.04 22.26 39.28
C GLY A 248 -56.21 21.86 40.49
N ASP A 249 -56.74 22.11 41.66
CA ASP A 249 -56.05 21.73 42.87
C ASP A 249 -57.06 21.61 43.97
N PRO A 250 -57.48 20.38 44.29
CA PRO A 250 -56.95 19.11 43.84
C PRO A 250 -57.20 18.89 42.36
N PRO A 251 -56.33 18.14 41.70
CA PRO A 251 -56.43 17.93 40.26
C PRO A 251 -57.80 17.43 39.98
N PRO A 252 -58.42 17.95 38.93
CA PRO A 252 -59.84 17.80 38.60
C PRO A 252 -60.11 16.41 38.13
N GLU A 253 -61.39 16.09 37.99
CA GLU A 253 -61.76 14.88 37.28
C GLU A 253 -62.52 15.32 36.05
N VAL A 254 -62.27 14.63 34.95
CA VAL A 254 -62.84 15.03 33.70
C VAL A 254 -63.84 14.03 33.26
N SER A 255 -64.73 14.47 32.41
CA SER A 255 -65.68 13.57 31.84
C SER A 255 -66.04 14.28 30.56
N TRP A 256 -66.71 13.57 29.67
CA TRP A 256 -67.14 14.16 28.42
C TRP A 256 -68.63 13.94 28.16
N LEU A 257 -69.13 14.57 27.09
CA LEU A 257 -70.50 14.34 26.70
C LEU A 257 -70.66 14.54 25.23
N LYS A 258 -71.52 13.75 24.63
CA LYS A 258 -71.88 13.93 23.22
C LYS A 258 -73.37 14.18 23.15
N ASN A 259 -73.69 15.45 23.10
CA ASN A 259 -75.07 15.89 23.05
C ASN A 259 -75.78 15.72 24.38
N GLU A 260 -75.22 16.36 25.40
CA GLU A 260 -75.90 16.57 26.67
C GLU A 260 -76.07 15.26 27.38
N LYS A 261 -75.40 14.26 26.83
CA LYS A 261 -75.50 12.92 27.36
C LYS A 261 -74.08 12.41 27.54
N ALA A 262 -73.82 11.87 28.70
CA ALA A 262 -72.46 11.53 29.05
C ALA A 262 -72.04 10.38 28.19
N LEU A 263 -70.85 10.52 27.62
CA LEU A 263 -70.31 9.58 26.67
C LEU A 263 -69.04 9.03 27.26
N ALA A 264 -68.89 7.72 27.17
CA ALA A 264 -67.69 7.10 27.65
C ALA A 264 -66.79 6.63 26.50
N SER A 265 -65.51 6.60 26.84
CA SER A 265 -64.44 6.23 25.94
C SER A 265 -64.74 4.95 25.27
N ASP A 266 -64.24 4.75 24.05
CA ASP A 266 -64.31 3.44 23.39
C ASP A 266 -62.98 3.07 22.82
N ASP A 267 -62.99 2.33 21.74
CA ASP A 267 -61.74 2.07 21.02
C ASP A 267 -61.74 2.83 19.75
N HIS A 268 -62.88 3.40 19.45
CA HIS A 268 -63.11 4.05 18.18
C HIS A 268 -63.08 5.53 18.39
N CYS A 269 -63.81 5.99 19.39
CA CYS A 269 -63.76 7.39 19.78
C CYS A 269 -63.13 7.52 21.13
N ASN A 270 -61.81 7.58 21.16
CA ASN A 270 -61.07 7.45 22.40
C ASN A 270 -60.82 8.76 23.18
N LEU A 271 -61.12 8.74 24.49
CA LEU A 271 -60.73 9.81 25.39
C LEU A 271 -59.69 9.25 26.32
N LYS A 272 -58.69 10.05 26.67
CA LYS A 272 -57.70 9.70 27.68
C LYS A 272 -57.60 10.91 28.56
N PHE A 273 -56.61 10.92 29.43
CA PHE A 273 -56.40 12.02 30.35
C PHE A 273 -55.20 11.65 31.16
N GLU A 274 -54.04 12.16 30.82
CA GLU A 274 -52.89 11.78 31.59
C GLU A 274 -52.28 12.89 32.43
N ALA A 275 -51.57 12.46 33.46
CA ALA A 275 -50.97 13.33 34.49
C ALA A 275 -51.89 14.45 35.02
N GLY A 276 -53.19 14.33 34.80
CA GLY A 276 -54.11 15.32 35.32
C GLY A 276 -53.94 16.73 34.78
N ARG A 277 -53.28 16.90 33.64
CA ARG A 277 -53.21 18.26 33.04
C ARG A 277 -53.50 18.31 31.54
N THR A 278 -53.89 17.18 30.98
CA THR A 278 -54.18 17.09 29.55
C THR A 278 -55.25 16.03 29.24
N ALA A 279 -56.23 16.44 28.47
CA ALA A 279 -57.26 15.53 28.01
C ALA A 279 -57.04 15.33 26.53
N TYR A 280 -56.97 14.08 26.06
CA TYR A 280 -56.91 13.83 24.62
C TYR A 280 -58.23 13.33 24.07
N PHE A 281 -58.83 14.04 23.15
CA PHE A 281 -60.04 13.54 22.53
C PHE A 281 -59.62 13.12 21.14
N THR A 282 -60.07 11.93 20.73
CA THR A 282 -59.50 11.25 19.54
C THR A 282 -60.45 10.30 18.81
N ILE A 283 -61.25 10.85 17.90
CA ILE A 283 -62.06 9.99 17.04
C ILE A 283 -61.13 9.43 16.00
N ASN A 284 -61.43 8.22 15.55
CA ASN A 284 -60.51 7.47 14.73
C ASN A 284 -61.18 6.99 13.46
N GLY A 285 -61.49 7.92 12.58
CA GLY A 285 -62.26 7.59 11.38
C GLY A 285 -63.66 8.14 11.53
N VAL A 286 -63.74 9.45 11.57
CA VAL A 286 -64.99 10.13 11.83
C VAL A 286 -66.06 9.77 10.83
N SER A 287 -67.10 9.10 11.31
CA SER A 287 -68.31 8.88 10.54
C SER A 287 -69.25 10.04 10.78
N THR A 288 -70.39 10.03 10.09
CA THR A 288 -71.43 11.02 10.31
C THR A 288 -71.98 10.83 11.72
N ALA A 289 -72.27 9.57 12.04
CA ALA A 289 -72.53 9.16 13.41
C ALA A 289 -71.62 9.81 14.47
N ASP A 290 -70.37 10.08 14.13
CA ASP A 290 -69.47 10.63 15.13
C ASP A 290 -69.59 12.13 15.20
N SER A 291 -70.28 12.73 14.25
CA SER A 291 -70.40 14.17 14.28
C SER A 291 -71.17 14.47 15.54
N GLY A 292 -71.24 15.74 15.91
CA GLY A 292 -72.16 16.14 16.95
C GLY A 292 -71.65 17.22 17.87
N LYS A 293 -72.31 17.34 19.02
CA LYS A 293 -72.00 18.38 19.98
C LYS A 293 -71.30 17.86 21.21
N TYR A 294 -70.00 18.00 21.22
CA TYR A 294 -69.26 17.39 22.28
C TYR A 294 -68.97 18.39 23.35
N GLY A 295 -68.56 17.89 24.50
CA GLY A 295 -68.49 18.67 25.72
C GLY A 295 -67.54 17.98 26.66
N LEU A 296 -66.64 18.78 27.25
CA LEU A 296 -65.58 18.34 28.15
C LEU A 296 -65.76 19.03 29.47
N VAL A 297 -66.09 18.29 30.52
CA VAL A 297 -66.35 18.89 31.81
C VAL A 297 -65.36 18.44 32.81
N VAL A 298 -64.68 19.41 33.41
CA VAL A 298 -63.79 19.14 34.48
C VAL A 298 -64.41 19.84 35.66
N LYS A 299 -64.16 19.31 36.85
CA LYS A 299 -64.60 19.95 38.06
C LYS A 299 -63.80 19.37 39.21
N ASN A 300 -63.71 20.17 40.27
CA ASN A 300 -63.22 19.73 41.55
C ASN A 300 -63.95 20.45 42.67
N LYS A 301 -63.52 20.18 43.89
CA LYS A 301 -64.20 20.69 45.05
C LYS A 301 -64.43 22.19 45.03
N TYR A 302 -63.56 22.94 44.37
CA TYR A 302 -63.66 24.40 44.37
C TYR A 302 -64.59 24.93 43.31
N GLY A 303 -64.83 24.14 42.27
CA GLY A 303 -65.74 24.55 41.22
C GLY A 303 -65.66 23.71 39.97
N SER A 304 -66.29 24.16 38.89
CA SER A 304 -66.19 23.44 37.63
C SER A 304 -66.14 24.39 36.43
N GLU A 305 -66.27 23.79 35.23
CA GLU A 305 -66.07 24.43 33.93
C GLU A 305 -66.39 23.41 32.86
N THR A 306 -66.93 23.88 31.73
CA THR A 306 -67.06 23.04 30.54
C THR A 306 -66.57 23.79 29.32
N SER A 307 -65.90 23.06 28.45
CA SER A 307 -65.47 23.55 27.17
C SER A 307 -66.25 22.79 26.09
N ASP A 308 -66.93 23.51 25.21
CA ASP A 308 -67.71 22.87 24.17
C ASP A 308 -67.12 22.98 22.81
N PHE A 309 -67.29 21.94 22.01
CA PHE A 309 -67.12 22.13 20.57
C PHE A 309 -68.08 21.29 19.78
N THR A 310 -68.02 21.45 18.46
CA THR A 310 -68.94 20.74 17.57
C THR A 310 -68.17 20.16 16.43
N VAL A 311 -68.29 18.87 16.27
CA VAL A 311 -67.70 18.22 15.13
C VAL A 311 -68.72 18.17 14.03
N SER A 312 -68.45 18.83 12.91
CA SER A 312 -69.33 18.63 11.78
C SER A 312 -68.53 17.96 10.68
N VAL A 313 -69.29 17.33 9.80
CA VAL A 313 -68.70 16.45 8.85
C VAL A 313 -69.41 16.65 7.57
N PHE A 314 -68.65 16.66 6.49
CA PHE A 314 -69.21 16.51 5.16
C PHE A 314 -68.66 15.22 4.55
N ILE A 315 -69.42 14.69 3.59
CA ILE A 315 -69.09 13.50 2.84
C ILE A 315 -68.49 13.81 1.44
N PRO A 316 -67.38 13.15 1.11
CA PRO A 316 -66.70 13.63 -0.09
C PRO A 316 -66.98 12.65 -1.21
N ASP B 3 -100.91 -45.86 -14.08
CA ASP B 3 -101.39 -45.77 -12.70
C ASP B 3 -102.19 -46.98 -12.24
N PRO B 4 -101.77 -47.69 -11.17
CA PRO B 4 -102.74 -48.76 -10.86
C PRO B 4 -103.85 -48.67 -9.73
N PHE B 5 -103.82 -49.49 -8.66
CA PHE B 5 -102.60 -49.72 -7.90
C PHE B 5 -101.83 -51.08 -7.66
N THR B 6 -100.51 -50.92 -7.79
CA THR B 6 -99.44 -51.83 -7.38
C THR B 6 -98.28 -51.07 -6.69
N GLY B 7 -98.14 -49.77 -6.91
CA GLY B 7 -97.13 -48.96 -6.23
C GLY B 7 -95.95 -48.48 -7.08
N PRO B 8 -95.38 -47.27 -6.81
CA PRO B 8 -94.50 -46.63 -7.78
C PRO B 8 -93.35 -47.54 -8.09
N HIS B 9 -92.56 -47.20 -9.09
CA HIS B 9 -91.42 -48.05 -9.36
C HIS B 9 -90.45 -47.34 -10.26
N PHE B 10 -89.19 -47.75 -10.23
CA PHE B 10 -88.24 -47.13 -11.12
C PHE B 10 -88.32 -47.72 -12.51
N VAL B 11 -87.85 -46.93 -13.48
CA VAL B 11 -87.76 -47.33 -14.87
C VAL B 11 -86.30 -47.42 -15.23
N GLU B 12 -85.51 -46.56 -14.62
CA GLU B 12 -84.09 -46.59 -14.84
C GLU B 12 -83.56 -46.46 -13.46
N TYR B 13 -82.46 -47.15 -13.19
CA TYR B 13 -81.91 -47.13 -11.84
C TYR B 13 -80.90 -46.00 -11.66
N LEU B 14 -80.36 -45.89 -10.46
CA LEU B 14 -79.52 -44.74 -10.18
C LEU B 14 -78.22 -44.75 -10.96
N SER B 15 -77.84 -43.59 -11.46
CA SER B 15 -76.60 -43.44 -12.21
C SER B 15 -75.99 -42.06 -12.06
N TRP B 16 -74.81 -41.88 -12.64
CA TRP B 16 -74.12 -40.62 -12.54
C TRP B 16 -73.50 -40.18 -13.83
N GLU B 17 -73.49 -38.88 -14.02
CA GLU B 17 -72.75 -38.30 -15.12
C GLU B 17 -72.11 -37.03 -14.63
N VAL B 18 -71.07 -36.59 -15.33
CA VAL B 18 -70.44 -35.32 -15.02
C VAL B 18 -71.01 -34.23 -15.92
N THR B 19 -70.88 -32.96 -15.54
CA THR B 19 -71.44 -31.91 -16.39
C THR B 19 -70.70 -30.60 -16.31
N GLY B 20 -71.07 -29.69 -17.20
CA GLY B 20 -70.61 -28.31 -17.24
C GLY B 20 -69.51 -27.95 -16.27
N GLU B 21 -69.89 -27.21 -15.22
CA GLU B 21 -68.92 -26.78 -14.20
C GLU B 21 -68.50 -27.94 -13.32
N CYS B 22 -68.21 -29.07 -13.97
CA CYS B 22 -67.78 -30.29 -13.30
C CYS B 22 -68.50 -30.56 -12.00
N ASN B 23 -69.81 -30.69 -12.10
CA ASN B 23 -70.60 -31.21 -11.00
C ASN B 23 -71.05 -32.60 -11.35
N VAL B 24 -71.13 -33.43 -10.33
CA VAL B 24 -71.70 -34.74 -10.47
C VAL B 24 -73.20 -34.61 -10.30
N LEU B 25 -73.93 -34.91 -11.37
CA LEU B 25 -75.38 -34.99 -11.33
C LEU B 25 -75.78 -36.47 -11.26
N LEU B 26 -76.63 -36.82 -10.31
CA LEU B 26 -77.17 -38.18 -10.26
C LEU B 26 -78.52 -38.27 -10.94
N LYS B 27 -78.86 -39.43 -11.48
CA LYS B 27 -80.11 -39.50 -12.18
C LYS B 27 -80.79 -40.85 -12.14
N CYS B 28 -81.97 -40.89 -12.73
CA CYS B 28 -82.85 -42.05 -12.68
C CYS B 28 -84.17 -41.62 -13.25
N LYS B 29 -84.87 -42.53 -13.89
CA LYS B 29 -86.20 -42.24 -14.36
C LYS B 29 -87.12 -42.93 -13.37
N VAL B 30 -88.30 -42.39 -13.14
CA VAL B 30 -89.28 -43.02 -12.27
C VAL B 30 -90.61 -43.06 -12.98
N ALA B 31 -91.41 -44.06 -12.68
CA ALA B 31 -92.75 -44.16 -13.24
C ALA B 31 -93.83 -44.61 -12.23
N ASN B 32 -95.08 -44.26 -12.55
CA ASN B 32 -96.25 -44.64 -11.76
C ASN B 32 -96.26 -43.79 -10.51
N ILE B 33 -96.52 -42.51 -10.68
CA ILE B 33 -96.32 -41.58 -9.59
C ILE B 33 -97.58 -40.82 -9.29
N LYS B 34 -98.20 -41.14 -8.16
CA LYS B 34 -99.36 -40.40 -7.71
C LYS B 34 -98.85 -39.03 -7.24
N LYS B 35 -99.75 -38.05 -7.10
CA LYS B 35 -99.38 -36.81 -6.45
C LYS B 35 -98.74 -37.12 -5.10
N GLU B 36 -99.53 -37.73 -4.21
CA GLU B 36 -99.15 -38.01 -2.84
C GLU B 36 -97.93 -38.91 -2.67
N THR B 37 -97.12 -39.07 -3.72
CA THR B 37 -95.98 -39.96 -3.62
C THR B 37 -94.77 -39.30 -2.98
N HIS B 38 -93.90 -40.16 -2.47
CA HIS B 38 -92.72 -39.70 -1.80
C HIS B 38 -91.47 -40.03 -2.57
N ILE B 39 -90.68 -38.99 -2.80
CA ILE B 39 -89.34 -39.11 -3.37
C ILE B 39 -88.32 -38.50 -2.41
N VAL B 40 -87.45 -39.36 -1.87
CA VAL B 40 -86.52 -38.96 -0.83
C VAL B 40 -85.15 -39.52 -1.09
N TRP B 41 -84.12 -38.68 -0.98
CA TRP B 41 -82.75 -39.16 -1.18
C TRP B 41 -82.00 -39.35 0.13
N TYR B 42 -81.02 -40.24 0.10
CA TYR B 42 -80.26 -40.53 1.30
C TYR B 42 -78.76 -40.72 1.02
N LYS B 43 -77.90 -40.05 1.79
CA LYS B 43 -76.48 -40.34 1.78
C LYS B 43 -76.15 -41.11 3.05
N ASP B 44 -75.58 -42.31 2.90
CA ASP B 44 -75.28 -43.18 4.04
C ASP B 44 -76.47 -43.32 4.99
N GLU B 45 -77.61 -43.76 4.46
CA GLU B 45 -78.80 -44.03 5.28
C GLU B 45 -79.27 -42.81 6.05
N ARG B 46 -78.38 -41.84 6.16
CA ARG B 46 -78.71 -40.54 6.73
C ARG B 46 -79.42 -39.78 5.61
N GLU B 47 -80.60 -39.26 5.91
CA GLU B 47 -81.39 -38.59 4.88
C GLU B 47 -80.84 -37.24 4.50
N ILE B 48 -80.85 -36.97 3.19
CA ILE B 48 -80.62 -35.64 2.65
C ILE B 48 -81.90 -34.80 2.81
N SER B 49 -81.93 -33.87 3.76
CA SER B 49 -83.16 -33.10 4.01
C SER B 49 -83.23 -31.79 3.22
N VAL B 50 -83.02 -31.87 1.91
CA VAL B 50 -83.10 -30.68 1.06
C VAL B 50 -84.49 -30.07 1.14
N ASP B 51 -85.40 -30.53 0.29
CA ASP B 51 -86.72 -29.92 0.22
C ASP B 51 -87.86 -30.92 0.01
N GLU B 52 -89.01 -30.41 -0.43
CA GLU B 52 -90.28 -31.14 -0.36
C GLU B 52 -90.30 -32.57 -0.92
N LYS B 53 -90.89 -33.46 -0.12
CA LYS B 53 -91.15 -34.84 -0.52
C LYS B 53 -92.65 -35.08 -0.54
N HIS B 54 -93.36 -34.34 -1.38
CA HIS B 54 -94.82 -34.46 -1.53
C HIS B 54 -95.26 -33.96 -2.89
N ASP B 55 -94.41 -34.15 -3.89
CA ASP B 55 -94.70 -33.66 -5.23
C ASP B 55 -93.88 -34.40 -6.27
N PHE B 56 -94.50 -34.61 -7.43
CA PHE B 56 -93.83 -35.28 -8.53
C PHE B 56 -94.79 -35.60 -9.67
N LYS B 57 -94.21 -35.88 -10.83
CA LYS B 57 -94.91 -36.03 -12.10
C LYS B 57 -94.14 -37.09 -12.88
N ASP B 58 -93.43 -36.64 -13.92
CA ASP B 58 -92.49 -37.47 -14.69
C ASP B 58 -91.43 -36.59 -15.40
N GLY B 59 -90.37 -37.22 -15.89
CA GLY B 59 -90.12 -38.63 -15.65
C GLY B 59 -88.76 -38.80 -15.02
N ILE B 60 -87.89 -37.82 -15.23
CA ILE B 60 -86.53 -37.89 -14.72
C ILE B 60 -86.40 -37.37 -13.30
N CYS B 61 -85.50 -37.96 -12.53
CA CYS B 61 -85.26 -37.49 -11.18
C CYS B 61 -83.80 -37.31 -10.91
N THR B 62 -83.40 -36.08 -10.65
CA THR B 62 -82.00 -35.75 -10.49
C THR B 62 -81.75 -35.19 -9.11
N LEU B 63 -80.49 -35.16 -8.73
CA LEU B 63 -80.04 -34.45 -7.55
C LEU B 63 -78.64 -34.06 -7.93
N LEU B 64 -78.24 -32.82 -7.66
CA LEU B 64 -76.94 -32.37 -8.12
C LEU B 64 -75.98 -32.20 -6.98
N ILE B 65 -74.81 -32.79 -7.12
CA ILE B 65 -73.78 -32.59 -6.12
C ILE B 65 -72.94 -31.42 -6.54
N THR B 66 -72.65 -30.55 -5.58
CA THR B 66 -71.86 -29.36 -5.87
C THR B 66 -70.53 -29.39 -5.15
N GLU B 67 -69.57 -28.65 -5.69
CA GLU B 67 -68.22 -28.57 -5.14
C GLU B 67 -67.63 -29.95 -4.92
N PHE B 68 -68.32 -30.95 -5.44
CA PHE B 68 -67.90 -32.35 -5.41
C PHE B 68 -66.48 -32.65 -4.96
N SER B 69 -66.33 -33.64 -4.08
CA SER B 69 -65.02 -34.04 -3.59
C SER B 69 -65.12 -35.32 -2.79
N LYS B 70 -64.07 -35.62 -2.03
CA LYS B 70 -64.02 -36.81 -1.18
C LYS B 70 -65.16 -36.91 -0.16
N LYS B 71 -65.74 -35.78 0.24
CA LYS B 71 -66.85 -35.77 1.21
C LYS B 71 -68.10 -36.44 0.62
N ASP B 72 -68.53 -35.92 -0.52
CA ASP B 72 -69.70 -36.43 -1.18
C ASP B 72 -69.46 -37.84 -1.69
N ALA B 73 -68.64 -38.62 -0.99
CA ALA B 73 -68.55 -40.05 -1.31
C ALA B 73 -69.50 -40.82 -0.40
N GLY B 74 -69.54 -42.14 -0.55
CA GLY B 74 -70.45 -42.96 0.24
C GLY B 74 -71.60 -43.52 -0.58
N ILE B 75 -72.67 -43.94 0.11
CA ILE B 75 -73.79 -44.64 -0.51
C ILE B 75 -75.07 -43.81 -0.63
N TYR B 76 -75.54 -43.62 -1.86
CA TYR B 76 -76.73 -42.82 -2.13
C TYR B 76 -77.90 -43.72 -2.50
N GLU B 77 -79.10 -43.32 -2.08
CA GLU B 77 -80.31 -44.04 -2.44
C GLU B 77 -81.56 -43.17 -2.50
N VAL B 78 -82.37 -43.44 -3.51
CA VAL B 78 -83.63 -42.75 -3.73
C VAL B 78 -84.71 -43.73 -3.33
N ILE B 79 -85.61 -43.31 -2.46
CA ILE B 79 -86.62 -44.21 -1.94
C ILE B 79 -88.00 -43.73 -2.28
N LEU B 80 -88.66 -44.39 -3.23
CA LEU B 80 -90.04 -44.02 -3.60
C LEU B 80 -91.04 -44.74 -2.70
N LYS B 81 -91.97 -44.00 -2.11
CA LYS B 81 -93.06 -44.63 -1.37
C LYS B 81 -94.32 -43.79 -1.32
N ASP B 82 -95.36 -44.43 -0.79
CA ASP B 82 -96.68 -43.85 -0.57
C ASP B 82 -97.53 -45.05 -0.24
N ASP B 83 -98.74 -44.82 0.27
CA ASP B 83 -99.55 -45.91 0.81
C ASP B 83 -99.59 -47.20 -0.03
N ARG B 84 -99.35 -47.10 -1.33
CA ARG B 84 -99.39 -48.28 -2.19
C ARG B 84 -98.25 -49.26 -2.02
N GLY B 85 -97.01 -48.76 -2.06
CA GLY B 85 -95.82 -49.60 -1.97
C GLY B 85 -94.54 -48.81 -1.76
N LYS B 86 -93.40 -49.47 -1.90
CA LYS B 86 -92.08 -48.80 -1.85
C LYS B 86 -91.14 -49.42 -2.92
N ASP B 87 -90.27 -48.60 -3.50
CA ASP B 87 -89.16 -49.13 -4.31
C ASP B 87 -87.90 -48.34 -3.95
N LYS B 88 -86.81 -49.05 -3.73
CA LYS B 88 -85.51 -48.42 -3.55
C LYS B 88 -84.71 -48.59 -4.85
N SER B 89 -83.98 -47.54 -5.22
CA SER B 89 -82.84 -47.72 -6.11
C SER B 89 -81.60 -47.18 -5.42
N ARG B 90 -80.62 -48.07 -5.27
CA ARG B 90 -79.42 -47.85 -4.48
C ARG B 90 -78.29 -47.70 -5.51
N LEU B 91 -77.39 -46.75 -5.28
CA LEU B 91 -76.17 -46.58 -6.10
C LEU B 91 -75.00 -46.23 -5.17
N LYS B 92 -73.91 -46.99 -5.28
CA LYS B 92 -72.86 -47.00 -4.25
C LYS B 92 -71.53 -46.37 -4.69
N LEU B 93 -71.08 -45.36 -3.96
CA LEU B 93 -69.87 -44.65 -4.34
C LEU B 93 -68.76 -44.72 -3.30
N VAL B 94 -68.01 -45.82 -3.31
CA VAL B 94 -66.85 -45.95 -2.42
C VAL B 94 -65.58 -46.33 -3.18
N ASP B 95 -64.62 -46.92 -2.47
CA ASP B 95 -63.39 -47.38 -3.09
C ASP B 95 -63.65 -48.11 -4.42
N GLU B 96 -62.95 -47.66 -5.45
CA GLU B 96 -62.94 -48.31 -6.77
C GLU B 96 -64.24 -48.16 -7.54
N ALA B 97 -65.25 -47.61 -6.87
CA ALA B 97 -66.40 -47.04 -7.55
C ALA B 97 -66.11 -45.55 -7.62
N PHE B 98 -65.75 -44.99 -6.46
CA PHE B 98 -65.51 -43.57 -6.31
C PHE B 98 -64.27 -43.16 -7.05
N LYS B 99 -63.20 -43.93 -6.88
CA LYS B 99 -61.96 -43.63 -7.56
C LYS B 99 -62.24 -43.44 -9.05
N GLU B 100 -63.09 -44.31 -9.61
CA GLU B 100 -63.49 -44.21 -11.02
C GLU B 100 -64.10 -42.84 -11.29
N LEU B 101 -64.82 -42.32 -10.30
CA LEU B 101 -65.54 -41.06 -10.44
C LEU B 101 -64.58 -39.88 -10.33
N MET B 102 -63.75 -39.86 -9.30
CA MET B 102 -62.84 -38.73 -9.11
C MET B 102 -62.05 -38.52 -10.38
N MET B 103 -61.31 -39.53 -10.79
CA MET B 103 -60.49 -39.42 -11.98
C MET B 103 -61.32 -39.16 -13.22
N GLU B 104 -62.63 -39.16 -13.06
CA GLU B 104 -63.56 -38.95 -14.17
C GLU B 104 -64.00 -37.49 -14.27
N VAL B 105 -64.01 -36.84 -13.11
CA VAL B 105 -64.28 -35.42 -13.01
C VAL B 105 -63.09 -34.66 -13.59
N CYS B 106 -61.90 -35.08 -13.19
CA CYS B 106 -60.67 -34.37 -13.50
C CYS B 106 -60.38 -34.24 -14.99
N LYS B 107 -60.67 -35.29 -15.74
CA LYS B 107 -60.54 -35.20 -17.17
C LYS B 107 -61.25 -33.93 -17.60
N LYS B 108 -62.52 -33.79 -17.19
CA LYS B 108 -63.36 -32.64 -17.58
C LYS B 108 -62.86 -31.31 -17.03
N ILE B 109 -62.32 -31.36 -15.82
CA ILE B 109 -61.62 -30.25 -15.20
C ILE B 109 -60.41 -29.87 -16.02
N ALA B 110 -59.60 -30.90 -16.29
CA ALA B 110 -58.33 -30.76 -16.98
C ALA B 110 -58.49 -30.23 -18.42
N LEU B 111 -59.58 -30.64 -19.06
CA LEU B 111 -59.90 -30.22 -20.43
C LEU B 111 -60.19 -28.74 -20.52
N SER B 112 -60.76 -28.21 -19.44
CA SER B 112 -60.97 -26.78 -19.28
C SER B 112 -59.75 -26.15 -18.59
N ALA B 113 -58.68 -25.91 -19.36
CA ALA B 113 -57.40 -25.46 -18.81
C ALA B 113 -56.73 -24.46 -19.73
N THR B 114 -57.19 -23.21 -19.68
CA THR B 114 -56.74 -22.18 -20.62
C THR B 114 -55.24 -22.13 -20.81
N ASP B 115 -54.79 -22.30 -22.04
CA ASP B 115 -53.35 -22.40 -22.30
C ASP B 115 -52.50 -21.57 -21.36
N LEU B 116 -51.31 -22.09 -21.08
CA LEU B 116 -50.43 -21.47 -20.11
C LEU B 116 -50.14 -20.08 -20.60
N LYS B 117 -50.27 -19.09 -19.70
CA LYS B 117 -50.04 -17.70 -20.04
C LYS B 117 -49.02 -17.03 -19.09
N ILE B 118 -48.45 -15.92 -19.55
CA ILE B 118 -47.40 -15.18 -18.84
C ILE B 118 -47.91 -13.87 -18.27
N GLN B 119 -47.60 -13.62 -17.01
CA GLN B 119 -48.13 -12.46 -16.33
C GLN B 119 -47.13 -12.12 -15.24
N SER B 120 -46.78 -10.85 -15.09
CA SER B 120 -45.79 -10.54 -14.09
C SER B 120 -46.47 -9.77 -12.99
N THR B 121 -45.86 -9.77 -11.79
CA THR B 121 -46.40 -9.08 -10.63
C THR B 121 -45.21 -8.48 -9.97
N ALA B 122 -45.41 -7.85 -8.81
CA ALA B 122 -44.32 -7.21 -8.09
C ALA B 122 -43.43 -8.21 -7.37
N GLU B 123 -43.79 -9.49 -7.41
CA GLU B 123 -43.04 -10.51 -6.68
C GLU B 123 -42.06 -11.21 -7.58
N GLY B 124 -42.41 -11.28 -8.86
CA GLY B 124 -41.64 -12.02 -9.84
C GLY B 124 -42.40 -12.13 -11.15
N ILE B 125 -42.18 -13.22 -11.88
CA ILE B 125 -43.01 -13.56 -13.01
C ILE B 125 -43.87 -14.71 -12.59
N GLN B 126 -45.03 -14.88 -13.23
CA GLN B 126 -45.97 -15.91 -12.79
C GLN B 126 -46.63 -16.70 -13.92
N LEU B 127 -46.76 -18.01 -13.72
CA LEU B 127 -47.24 -18.95 -14.73
C LEU B 127 -48.60 -19.54 -14.38
N TYR B 128 -49.67 -19.09 -15.04
CA TYR B 128 -51.01 -19.51 -14.66
C TYR B 128 -51.87 -20.02 -15.81
N SER B 129 -52.70 -20.98 -15.48
CA SER B 129 -53.70 -21.48 -16.39
C SER B 129 -55.01 -21.56 -15.63
N PHE B 130 -56.10 -21.30 -16.33
CA PHE B 130 -57.41 -21.31 -15.69
C PHE B 130 -58.14 -22.59 -15.90
N VAL B 131 -58.79 -23.06 -14.86
CA VAL B 131 -59.67 -24.23 -15.00
C VAL B 131 -61.13 -23.95 -14.63
N THR B 132 -62.03 -24.47 -15.48
CA THR B 132 -63.46 -24.30 -15.31
C THR B 132 -64.12 -25.64 -15.05
N TYR B 133 -64.03 -26.08 -13.80
CA TYR B 133 -63.49 -25.18 -12.81
C TYR B 133 -63.35 -25.85 -11.49
N TYR B 134 -62.16 -26.37 -11.21
CA TYR B 134 -61.62 -26.36 -9.84
C TYR B 134 -60.74 -27.48 -9.37
N VAL B 135 -59.72 -27.17 -8.58
CA VAL B 135 -58.85 -28.28 -8.13
C VAL B 135 -59.63 -29.25 -7.19
N GLU B 136 -58.97 -30.36 -6.87
CA GLU B 136 -59.48 -31.35 -5.97
C GLU B 136 -58.36 -32.38 -5.76
N ASP B 137 -58.73 -33.63 -6.03
CA ASP B 137 -57.81 -34.76 -6.05
C ASP B 137 -57.27 -34.87 -7.45
N LEU B 138 -56.75 -33.75 -7.95
CA LEU B 138 -56.14 -33.66 -9.25
C LEU B 138 -54.69 -33.28 -9.02
N LYS B 139 -53.89 -34.19 -8.49
CA LYS B 139 -52.52 -33.84 -8.17
C LYS B 139 -51.86 -33.09 -9.35
N VAL B 140 -50.97 -32.17 -9.03
CA VAL B 140 -50.45 -31.24 -10.02
C VAL B 140 -48.89 -31.13 -10.03
N ASN B 141 -48.30 -31.02 -11.23
CA ASN B 141 -46.84 -31.04 -11.41
C ASN B 141 -46.30 -30.14 -12.54
N TRP B 142 -45.04 -29.73 -12.40
CA TRP B 142 -44.39 -28.81 -13.34
C TRP B 142 -42.97 -29.21 -13.80
N SER B 143 -42.65 -28.82 -15.03
CA SER B 143 -41.37 -29.19 -15.63
C SER B 143 -40.67 -27.99 -16.27
N HIS B 144 -39.45 -27.74 -15.84
CA HIS B 144 -38.62 -26.70 -16.42
C HIS B 144 -37.58 -27.39 -17.27
N ASN B 145 -37.78 -27.36 -18.59
CA ASN B 145 -36.84 -27.99 -19.53
C ASN B 145 -36.71 -29.49 -19.40
N GLY B 146 -37.78 -30.15 -18.96
CA GLY B 146 -37.80 -31.59 -18.92
C GLY B 146 -37.35 -32.15 -17.59
N SER B 147 -37.28 -31.31 -16.56
CA SER B 147 -36.99 -31.82 -15.24
C SER B 147 -37.96 -31.25 -14.21
N ALA B 148 -38.10 -31.98 -13.11
CA ALA B 148 -38.97 -31.56 -12.03
C ALA B 148 -38.47 -30.22 -11.56
N ILE B 149 -39.29 -29.49 -10.82
CA ILE B 149 -38.84 -28.20 -10.32
C ILE B 149 -38.61 -28.21 -8.80
N ARG B 150 -37.38 -27.91 -8.41
CA ARG B 150 -37.04 -27.92 -6.99
C ARG B 150 -37.75 -26.78 -6.28
N TYR B 151 -38.60 -27.11 -5.33
CA TYR B 151 -39.43 -26.09 -4.74
C TYR B 151 -38.79 -25.37 -3.55
N SER B 152 -38.95 -24.06 -3.57
CA SER B 152 -38.20 -23.18 -2.70
C SER B 152 -39.05 -22.05 -2.15
N ASP B 153 -38.37 -20.97 -1.81
CA ASP B 153 -39.01 -19.79 -1.28
C ASP B 153 -38.97 -18.70 -2.35
N ARG B 154 -38.26 -19.00 -3.44
CA ARG B 154 -38.09 -18.03 -4.55
C ARG B 154 -38.99 -18.45 -5.67
N VAL B 155 -39.30 -19.74 -5.71
CA VAL B 155 -40.20 -20.25 -6.72
C VAL B 155 -41.12 -21.31 -6.12
N LYS B 156 -42.42 -21.01 -6.16
CA LYS B 156 -43.40 -21.81 -5.52
C LYS B 156 -44.43 -22.18 -6.55
N THR B 157 -45.18 -23.22 -6.23
CA THR B 157 -46.35 -23.58 -7.00
C THR B 157 -47.54 -23.22 -6.15
N GLY B 158 -48.73 -23.36 -6.74
CA GLY B 158 -49.92 -23.19 -5.97
C GLY B 158 -51.14 -23.16 -6.84
N VAL B 159 -52.27 -23.00 -6.16
CA VAL B 159 -53.60 -22.91 -6.75
C VAL B 159 -54.48 -21.95 -5.95
N THR B 160 -55.50 -21.45 -6.64
CA THR B 160 -56.32 -20.36 -6.16
C THR B 160 -57.68 -20.39 -6.87
N GLY B 161 -58.67 -21.01 -6.24
CA GLY B 161 -60.02 -20.94 -6.76
C GLY B 161 -60.14 -21.67 -8.07
N GLU B 162 -59.87 -20.99 -9.17
CA GLU B 162 -59.83 -21.67 -10.47
C GLU B 162 -58.52 -21.38 -11.23
N GLN B 163 -57.55 -20.87 -10.47
CA GLN B 163 -56.26 -20.49 -11.02
C GLN B 163 -55.15 -21.45 -10.60
N ILE B 164 -54.45 -21.98 -11.57
CA ILE B 164 -53.31 -22.79 -11.25
C ILE B 164 -52.10 -22.01 -11.62
N TRP B 165 -51.21 -21.82 -10.68
CA TRP B 165 -50.10 -20.96 -10.95
C TRP B 165 -48.78 -21.53 -10.49
N LEU B 166 -47.77 -21.13 -11.24
CA LEU B 166 -46.36 -21.23 -10.91
C LEU B 166 -45.86 -19.79 -10.74
N GLN B 167 -45.14 -19.53 -9.66
CA GLN B 167 -44.60 -18.20 -9.46
C GLN B 167 -43.10 -18.30 -9.45
N ILE B 168 -42.45 -17.16 -9.42
CA ILE B 168 -41.06 -17.10 -9.74
C ILE B 168 -40.41 -15.82 -9.16
N ASN B 169 -40.45 -15.68 -7.83
CA ASN B 169 -39.90 -14.50 -7.18
C ASN B 169 -38.47 -14.21 -7.61
N GLU B 170 -38.24 -12.99 -8.02
CA GLU B 170 -36.91 -12.58 -8.40
C GLU B 170 -36.43 -13.40 -9.54
N PRO B 171 -37.15 -13.34 -10.67
CA PRO B 171 -36.72 -14.08 -11.85
C PRO B 171 -35.40 -13.51 -12.30
N THR B 172 -34.72 -14.32 -13.08
CA THR B 172 -33.45 -13.97 -13.67
C THR B 172 -33.43 -14.81 -14.90
N PRO B 173 -32.49 -14.54 -15.78
CA PRO B 173 -32.21 -15.36 -16.96
C PRO B 173 -32.12 -16.88 -16.69
N ASN B 174 -31.48 -17.32 -15.61
CA ASN B 174 -31.46 -18.76 -15.34
C ASN B 174 -32.85 -19.39 -15.36
N ASP B 175 -33.88 -18.56 -15.21
CA ASP B 175 -35.27 -19.02 -15.04
C ASP B 175 -36.05 -19.11 -16.35
N LYS B 176 -35.50 -18.58 -17.43
CA LYS B 176 -36.10 -18.77 -18.75
C LYS B 176 -36.04 -20.24 -19.09
N GLY B 177 -36.83 -20.66 -20.08
CA GLY B 177 -36.85 -22.06 -20.47
C GLY B 177 -38.24 -22.59 -20.73
N LYS B 178 -38.35 -23.92 -20.87
CA LYS B 178 -39.63 -24.54 -21.17
C LYS B 178 -40.34 -24.99 -19.92
N TYR B 179 -41.59 -24.57 -19.81
CA TYR B 179 -42.38 -24.83 -18.64
C TYR B 179 -43.55 -25.69 -19.06
N VAL B 180 -43.82 -26.76 -18.31
CA VAL B 180 -44.98 -27.59 -18.60
C VAL B 180 -45.79 -28.06 -17.37
N MET B 181 -47.12 -28.20 -17.57
CA MET B 181 -48.06 -28.60 -16.52
C MET B 181 -48.50 -30.06 -16.62
N GLU B 182 -48.43 -30.78 -15.50
CA GLU B 182 -48.93 -32.15 -15.44
C GLU B 182 -50.11 -32.30 -14.50
N LEU B 183 -51.31 -32.26 -15.07
CA LEU B 183 -52.51 -32.51 -14.32
C LEU B 183 -52.80 -34.02 -14.36
N PHE B 184 -52.92 -34.62 -13.18
CA PHE B 184 -52.98 -36.07 -13.06
C PHE B 184 -54.25 -36.49 -12.35
N ASP B 185 -55.16 -37.12 -13.07
CA ASP B 185 -56.46 -37.49 -12.52
C ASP B 185 -56.41 -38.72 -11.62
N GLY B 186 -55.62 -39.70 -12.05
CA GLY B 186 -55.48 -40.97 -11.34
C GLY B 186 -54.94 -42.04 -12.29
N LYS B 187 -55.34 -41.96 -13.55
CA LYS B 187 -54.97 -42.97 -14.54
C LYS B 187 -54.17 -42.33 -15.67
N THR B 188 -54.67 -41.20 -16.15
CA THR B 188 -54.07 -40.49 -17.27
C THR B 188 -53.27 -39.30 -16.77
N GLY B 189 -52.65 -38.59 -17.71
CA GLY B 189 -52.01 -37.32 -17.41
C GLY B 189 -52.35 -36.35 -18.53
N HIS B 190 -52.21 -35.06 -18.26
CA HIS B 190 -52.50 -34.04 -19.26
C HIS B 190 -51.49 -32.91 -19.15
N GLN B 191 -51.05 -32.38 -20.28
CA GLN B 191 -50.04 -31.33 -20.28
C GLN B 191 -50.50 -30.08 -21.03
N LYS B 192 -50.00 -28.92 -20.63
CA LYS B 192 -50.17 -27.68 -21.38
C LYS B 192 -48.89 -26.85 -21.17
N THR B 193 -48.45 -26.14 -22.21
CA THR B 193 -47.12 -25.54 -22.15
C THR B 193 -47.00 -24.07 -22.55
N VAL B 194 -45.77 -23.55 -22.39
CA VAL B 194 -45.38 -22.18 -22.77
C VAL B 194 -43.87 -21.93 -22.57
N ASP B 195 -43.32 -21.00 -23.36
CA ASP B 195 -41.87 -20.78 -23.39
C ASP B 195 -41.42 -19.38 -22.97
N LEU B 196 -40.88 -19.31 -21.76
CA LEU B 196 -40.44 -18.06 -21.17
C LEU B 196 -39.10 -17.68 -21.74
N SER B 197 -39.14 -16.88 -22.80
CA SER B 197 -37.91 -16.61 -23.53
C SER B 197 -37.95 -15.34 -24.36
N GLY B 198 -36.77 -14.75 -24.53
CA GLY B 198 -36.59 -13.54 -25.29
C GLY B 198 -37.77 -12.61 -25.13
N GLN B 199 -38.14 -11.98 -26.25
CA GLN B 199 -39.35 -11.17 -26.38
C GLN B 199 -40.24 -11.13 -25.11
N ALA B 200 -41.21 -12.06 -25.05
CA ALA B 200 -42.15 -12.16 -23.91
C ALA B 200 -41.50 -11.87 -22.57
N TYR B 201 -40.45 -12.61 -22.30
CA TYR B 201 -39.68 -12.52 -21.08
C TYR B 201 -39.10 -11.12 -20.85
N ASP B 202 -38.26 -10.68 -21.76
CA ASP B 202 -37.68 -9.36 -21.61
C ASP B 202 -38.78 -8.38 -21.25
N GLU B 203 -39.99 -8.68 -21.69
CA GLU B 203 -41.10 -7.75 -21.51
C GLU B 203 -41.85 -7.95 -20.20
N ALA B 204 -41.67 -9.13 -19.60
CA ALA B 204 -42.30 -9.47 -18.33
C ALA B 204 -41.41 -8.99 -17.24
N TYR B 205 -40.13 -9.34 -17.35
CA TYR B 205 -39.14 -8.88 -16.41
C TYR B 205 -39.17 -7.37 -16.49
N ALA B 206 -39.69 -6.85 -17.59
CA ALA B 206 -39.93 -5.42 -17.70
C ALA B 206 -40.93 -4.91 -16.67
N GLU B 207 -42.20 -5.27 -16.84
CA GLU B 207 -43.25 -4.74 -15.99
C GLU B 207 -43.09 -5.28 -14.60
N PHE B 208 -42.36 -6.38 -14.49
CA PHE B 208 -42.01 -6.82 -13.17
C PHE B 208 -41.23 -5.73 -12.48
N GLN B 209 -40.04 -5.47 -12.99
CA GLN B 209 -39.29 -4.37 -12.45
C GLN B 209 -40.20 -3.18 -12.16
N ARG B 210 -41.07 -2.81 -13.10
CA ARG B 210 -41.94 -1.63 -12.93
C ARG B 210 -42.65 -1.71 -11.64
N LEU B 211 -43.32 -2.85 -11.49
CA LEU B 211 -44.25 -3.02 -10.41
C LEU B 211 -43.54 -2.94 -9.09
N LYS B 212 -42.48 -3.71 -8.96
CA LYS B 212 -41.69 -3.69 -7.75
C LYS B 212 -41.19 -2.28 -7.40
N GLN B 213 -40.55 -1.55 -8.33
CA GLN B 213 -40.03 -0.23 -7.98
C GLN B 213 -41.25 0.55 -7.46
N ALA B 214 -42.26 0.74 -8.29
CA ALA B 214 -43.48 1.45 -7.88
C ALA B 214 -44.13 0.98 -6.58
N ALA B 215 -43.91 -0.28 -6.23
CA ALA B 215 -44.57 -0.87 -5.08
C ALA B 215 -43.74 -0.78 -3.81
N ILE B 216 -42.45 -0.86 -3.97
CA ILE B 216 -41.53 -0.47 -2.90
C ILE B 216 -41.83 0.97 -2.56
N ALA B 217 -42.10 1.75 -3.59
CA ALA B 217 -42.29 3.16 -3.43
C ALA B 217 -43.60 3.43 -2.78
N GLU B 218 -44.68 2.84 -3.26
CA GLU B 218 -46.00 3.14 -2.71
C GLU B 218 -46.23 2.60 -1.28
N LYS B 219 -45.14 2.17 -0.65
CA LYS B 219 -45.13 1.62 0.71
C LYS B 219 -44.42 2.54 1.73
N ASN B 220 -43.26 3.06 1.37
CA ASN B 220 -42.53 3.94 2.27
C ASN B 220 -42.59 5.43 1.90
N ARG B 221 -43.38 5.77 0.90
CA ARG B 221 -43.63 7.17 0.64
C ARG B 221 -44.13 7.75 1.93
N ALA B 222 -43.80 9.01 2.15
CA ALA B 222 -44.23 9.71 3.34
C ALA B 222 -45.71 9.82 3.25
N ARG B 223 -46.37 10.11 4.35
CA ARG B 223 -47.81 10.02 4.33
C ARG B 223 -48.42 10.60 5.56
N VAL B 224 -49.36 11.49 5.37
CA VAL B 224 -50.07 12.03 6.50
C VAL B 224 -51.11 11.00 6.82
N LEU B 225 -51.12 10.53 8.05
CA LEU B 225 -52.08 9.48 8.40
C LEU B 225 -53.43 9.97 8.93
N GLY B 226 -53.44 11.13 9.61
CA GLY B 226 -54.68 11.72 10.09
C GLY B 226 -54.55 12.44 11.40
N GLY B 227 -55.45 13.41 11.60
CA GLY B 227 -55.54 14.14 12.86
C GLY B 227 -55.80 15.64 12.78
N LEU B 228 -55.67 16.20 11.59
CA LEU B 228 -56.07 17.56 11.33
C LEU B 228 -57.48 17.48 10.81
N PRO B 229 -58.24 18.57 10.98
CA PRO B 229 -59.58 18.79 10.40
C PRO B 229 -59.38 19.50 9.08
N ASP B 230 -60.46 20.01 8.51
CA ASP B 230 -60.36 20.66 7.21
C ASP B 230 -60.56 22.15 7.46
N VAL B 231 -61.42 22.44 8.42
CA VAL B 231 -61.60 23.77 9.03
C VAL B 231 -61.82 23.74 10.55
N VAL B 232 -61.21 24.68 11.27
CA VAL B 232 -61.41 24.82 12.69
C VAL B 232 -61.88 26.22 12.79
N THR B 233 -62.67 26.47 13.80
CA THR B 233 -63.28 27.76 13.95
C THR B 233 -63.26 28.02 15.41
N ILE B 234 -62.65 29.13 15.79
CA ILE B 234 -62.32 29.33 17.18
C ILE B 234 -62.52 30.77 17.57
N GLN B 235 -62.80 30.98 18.85
CA GLN B 235 -63.10 32.30 19.33
C GLN B 235 -61.79 32.99 19.52
N GLU B 236 -61.72 34.27 19.13
CA GLU B 236 -60.50 35.04 19.24
C GLU B 236 -59.90 34.99 20.62
N GLY B 237 -58.60 34.80 20.69
CA GLY B 237 -57.90 34.81 21.97
C GLY B 237 -57.65 33.45 22.58
N LYS B 238 -58.51 32.51 22.23
CA LYS B 238 -58.39 31.18 22.76
C LYS B 238 -57.15 30.52 22.23
N ALA B 239 -56.77 29.42 22.84
CA ALA B 239 -55.59 28.71 22.41
C ALA B 239 -56.04 27.48 21.65
N LEU B 240 -55.11 26.91 20.87
CA LEU B 240 -55.42 25.87 19.89
C LEU B 240 -54.35 24.82 19.81
N ASN B 241 -54.76 23.56 19.89
CA ASN B 241 -53.83 22.44 19.79
C ASN B 241 -54.24 21.48 18.71
N LEU B 242 -53.49 21.45 17.62
CA LEU B 242 -53.66 20.40 16.60
C LEU B 242 -52.49 19.41 16.61
N THR B 243 -52.80 18.20 16.15
CA THR B 243 -51.89 17.09 16.31
C THR B 243 -52.07 16.29 15.10
N CYS B 244 -50.99 15.75 14.57
CA CYS B 244 -51.09 15.12 13.28
C CYS B 244 -50.03 14.07 13.11
N ASN B 245 -50.44 12.83 12.90
CA ASN B 245 -49.46 11.76 12.74
C ASN B 245 -49.05 11.48 11.31
N VAL B 246 -47.74 11.32 11.15
CA VAL B 246 -47.20 11.05 9.84
C VAL B 246 -46.42 9.77 9.92
N TRP B 247 -45.92 9.37 8.76
CA TRP B 247 -45.09 8.20 8.68
C TRP B 247 -44.31 8.21 7.38
N GLY B 248 -43.14 7.60 7.43
CA GLY B 248 -42.39 7.28 6.23
C GLY B 248 -41.18 6.47 6.60
N ASP B 249 -40.50 5.91 5.61
CA ASP B 249 -39.35 5.08 5.89
C ASP B 249 -38.38 5.23 4.71
N PRO B 250 -37.41 6.14 4.82
CA PRO B 250 -36.93 6.91 5.95
C PRO B 250 -37.94 7.85 6.53
N PRO B 251 -37.85 8.07 7.84
CA PRO B 251 -38.58 9.12 8.55
C PRO B 251 -38.63 10.31 7.67
N PRO B 252 -39.68 11.06 7.78
CA PRO B 252 -39.93 12.09 6.80
C PRO B 252 -39.53 13.42 7.37
N GLU B 253 -39.49 14.43 6.49
CA GLU B 253 -39.29 15.80 6.86
C GLU B 253 -40.63 16.47 6.75
N VAL B 254 -41.04 17.12 7.82
CA VAL B 254 -42.30 17.87 7.83
C VAL B 254 -41.99 19.34 7.61
N SER B 255 -42.91 20.06 7.01
CA SER B 255 -42.71 21.47 6.84
C SER B 255 -44.07 22.17 6.87
N TRP B 256 -44.14 23.30 7.58
CA TRP B 256 -45.42 23.95 7.62
C TRP B 256 -45.53 25.08 6.59
N LEU B 257 -46.78 25.45 6.26
CA LEU B 257 -47.08 26.48 5.31
C LEU B 257 -48.33 27.22 5.71
N LYS B 258 -48.20 28.49 6.03
CA LYS B 258 -49.39 29.35 6.19
C LYS B 258 -49.62 30.26 4.98
N ASN B 259 -50.81 30.15 4.40
CA ASN B 259 -51.16 30.99 3.27
C ASN B 259 -50.19 30.82 2.08
N GLU B 260 -49.62 29.64 1.98
CA GLU B 260 -48.87 29.23 0.81
C GLU B 260 -47.50 29.80 0.77
N LYS B 261 -47.01 30.18 1.92
CA LYS B 261 -45.59 30.36 2.01
C LYS B 261 -45.18 29.72 3.28
N ALA B 262 -43.88 29.63 3.50
CA ALA B 262 -43.36 28.91 4.62
C ALA B 262 -43.77 29.65 5.86
N LEU B 263 -43.72 28.93 6.98
CA LEU B 263 -44.19 29.38 8.27
C LEU B 263 -43.08 29.06 9.22
N ALA B 264 -42.74 29.98 10.12
CA ALA B 264 -41.70 29.71 11.11
C ALA B 264 -42.26 29.24 12.45
N SER B 265 -41.63 28.22 13.01
CA SER B 265 -41.97 27.85 14.34
C SER B 265 -41.77 29.16 15.01
N ASP B 266 -42.19 29.26 16.26
CA ASP B 266 -41.95 30.45 17.05
C ASP B 266 -42.55 30.28 18.43
N ASP B 267 -42.38 31.26 19.29
CA ASP B 267 -42.96 31.18 20.62
C ASP B 267 -44.48 31.27 20.60
N HIS B 268 -45.03 31.97 19.62
CA HIS B 268 -46.47 32.18 19.58
C HIS B 268 -47.16 31.22 18.67
N CYS B 269 -46.44 30.67 17.72
CA CYS B 269 -47.06 29.72 16.82
C CYS B 269 -46.13 28.54 16.69
N ASN B 270 -46.05 27.75 17.75
CA ASN B 270 -45.03 26.71 17.88
C ASN B 270 -45.34 25.35 17.20
N LEU B 271 -44.45 24.96 16.29
CA LEU B 271 -44.55 23.69 15.62
C LEU B 271 -43.56 22.74 16.25
N LYS B 272 -44.00 21.55 16.61
CA LYS B 272 -43.03 20.53 16.93
C LYS B 272 -43.10 19.42 15.94
N PHE B 273 -42.18 18.48 16.12
CA PHE B 273 -42.13 17.27 15.33
C PHE B 273 -41.40 16.26 16.16
N GLU B 274 -41.77 14.98 16.11
CA GLU B 274 -41.22 14.01 17.05
C GLU B 274 -41.22 12.58 16.56
N ALA B 275 -40.09 11.89 16.77
CA ALA B 275 -39.86 10.50 16.29
C ALA B 275 -39.96 10.34 14.76
N GLY B 276 -40.31 11.44 14.09
CA GLY B 276 -40.76 11.38 12.72
C GLY B 276 -42.06 10.60 12.71
N ARG B 277 -42.95 11.00 13.59
CA ARG B 277 -44.20 10.30 13.78
C ARG B 277 -45.33 11.27 14.03
N THR B 278 -45.02 12.43 14.59
CA THR B 278 -46.06 13.34 15.09
C THR B 278 -45.77 14.85 15.00
N ALA B 279 -46.47 15.53 14.13
CA ALA B 279 -46.30 16.96 14.05
C ALA B 279 -47.22 17.68 15.02
N TYR B 280 -46.80 18.82 15.55
CA TYR B 280 -47.57 19.45 16.62
C TYR B 280 -47.83 20.96 16.44
N PHE B 281 -48.90 21.30 15.72
CA PHE B 281 -49.31 22.69 15.54
C PHE B 281 -49.97 23.22 16.79
N THR B 282 -49.68 24.47 17.15
CA THR B 282 -50.08 25.05 18.46
C THR B 282 -50.05 26.59 18.54
N ILE B 283 -51.15 27.23 18.91
CA ILE B 283 -51.20 28.68 18.93
C ILE B 283 -51.53 29.17 20.35
N ASN B 284 -50.63 29.91 21.01
CA ASN B 284 -50.95 30.37 22.37
C ASN B 284 -51.79 31.60 22.49
N GLY B 285 -52.74 31.72 21.57
CA GLY B 285 -53.79 32.72 21.62
C GLY B 285 -54.17 33.12 20.22
N VAL B 286 -55.15 32.44 19.65
CA VAL B 286 -55.42 32.67 18.23
C VAL B 286 -55.96 34.07 18.02
N SER B 287 -55.17 34.96 17.42
CA SER B 287 -55.63 36.30 17.09
C SER B 287 -56.01 36.29 15.65
N THR B 288 -56.91 37.16 15.23
CA THR B 288 -57.34 37.20 13.83
C THR B 288 -56.21 37.00 12.83
N ALA B 289 -55.05 37.57 13.16
CA ALA B 289 -53.89 37.47 12.28
C ALA B 289 -53.31 36.08 12.30
N ASP B 290 -53.94 35.17 12.97
CA ASP B 290 -53.43 33.83 13.02
C ASP B 290 -54.35 32.97 12.23
N SER B 291 -55.44 33.59 11.81
CA SER B 291 -56.31 32.95 10.86
C SER B 291 -55.62 32.91 9.50
N GLY B 292 -56.26 32.23 8.54
CA GLY B 292 -55.70 32.02 7.20
C GLY B 292 -55.70 30.54 6.89
N LYS B 293 -55.01 30.13 5.82
CA LYS B 293 -54.94 28.70 5.47
C LYS B 293 -53.57 28.04 5.64
N TYR B 294 -53.53 27.04 6.51
CA TYR B 294 -52.30 26.36 6.79
C TYR B 294 -52.23 25.06 6.00
N GLY B 295 -51.01 24.55 5.86
CA GLY B 295 -50.77 23.24 5.29
C GLY B 295 -49.60 22.56 5.99
N LEU B 296 -49.70 21.26 6.21
CA LEU B 296 -48.54 20.49 6.64
C LEU B 296 -48.13 19.56 5.50
N VAL B 297 -46.83 19.37 5.33
CA VAL B 297 -46.27 18.72 4.16
C VAL B 297 -45.13 17.81 4.56
N VAL B 298 -45.38 16.52 4.62
CA VAL B 298 -44.32 15.58 4.92
C VAL B 298 -43.70 15.10 3.63
N LYS B 299 -42.42 14.80 3.63
CA LYS B 299 -41.84 14.21 2.43
C LYS B 299 -40.54 13.50 2.74
N ASN B 300 -40.37 12.33 2.10
CA ASN B 300 -39.11 11.60 2.11
C ASN B 300 -38.71 11.23 0.70
N LYS B 301 -37.74 10.34 0.55
CA LYS B 301 -37.24 10.01 -0.79
C LYS B 301 -38.27 9.39 -1.71
N TYR B 302 -39.21 8.61 -1.19
CA TYR B 302 -40.16 7.93 -2.06
C TYR B 302 -41.39 8.76 -2.38
N GLY B 303 -41.63 9.82 -1.62
CA GLY B 303 -42.76 10.68 -1.95
C GLY B 303 -43.09 11.88 -1.08
N SER B 304 -43.96 12.74 -1.59
CA SER B 304 -44.52 13.80 -0.75
C SER B 304 -46.00 13.54 -0.41
N GLU B 305 -46.60 14.57 0.21
CA GLU B 305 -48.00 14.56 0.61
C GLU B 305 -48.26 15.69 1.61
N THR B 306 -49.37 16.39 1.47
CA THR B 306 -49.71 17.52 2.36
C THR B 306 -51.04 17.35 3.02
N SER B 307 -51.29 18.20 3.99
CA SER B 307 -52.49 18.18 4.79
C SER B 307 -52.91 19.60 5.03
N ASP B 308 -54.12 19.95 4.62
CA ASP B 308 -54.51 21.33 4.52
C ASP B 308 -55.67 21.70 5.40
N PHE B 309 -55.47 22.68 6.26
CA PHE B 309 -56.57 23.13 7.12
C PHE B 309 -56.66 24.65 7.23
N THR B 310 -57.74 25.12 7.87
CA THR B 310 -58.06 26.54 7.89
C THR B 310 -58.52 26.96 9.23
N VAL B 311 -57.79 27.83 9.86
CA VAL B 311 -58.24 28.37 11.10
C VAL B 311 -58.98 29.63 10.85
N SER B 312 -60.29 29.58 10.93
CA SER B 312 -61.05 30.82 10.86
C SER B 312 -61.45 31.19 12.27
N VAL B 313 -61.68 32.47 12.48
CA VAL B 313 -61.75 33.02 13.81
C VAL B 313 -62.92 33.96 13.85
N PHE B 314 -63.58 34.01 15.00
CA PHE B 314 -64.60 35.00 15.21
C PHE B 314 -64.30 35.72 16.52
N ILE B 315 -64.59 37.01 16.55
CA ILE B 315 -64.35 37.83 17.71
C ILE B 315 -65.61 37.93 18.54
N PRO B 316 -65.60 37.35 19.76
CA PRO B 316 -66.71 36.85 20.56
C PRO B 316 -68.04 37.45 20.20
N ILE C 2 96.67 59.58 -23.51
CA ILE C 2 95.46 60.32 -23.84
C ILE C 2 95.50 61.70 -23.22
N ASP C 3 94.37 62.41 -23.22
CA ASP C 3 94.34 63.80 -22.76
C ASP C 3 92.99 64.47 -22.96
N PRO C 4 92.33 64.87 -21.86
CA PRO C 4 91.16 65.73 -22.06
C PRO C 4 91.58 67.03 -22.74
N PHE C 5 90.87 67.43 -23.78
CA PHE C 5 89.63 66.74 -24.17
C PHE C 5 89.76 65.89 -25.44
N THR C 6 89.23 66.38 -26.56
CA THR C 6 89.15 65.62 -27.80
C THR C 6 88.72 64.19 -27.57
N GLY C 7 87.41 63.97 -27.55
CA GLY C 7 86.86 62.65 -27.27
C GLY C 7 87.48 61.54 -28.09
N PRO C 8 87.60 60.34 -27.49
CA PRO C 8 88.15 59.18 -28.16
C PRO C 8 87.67 59.13 -29.60
N HIS C 9 88.62 59.18 -30.54
CA HIS C 9 88.28 59.30 -31.95
C HIS C 9 88.17 57.96 -32.64
N PHE C 10 87.40 57.92 -33.72
CA PHE C 10 87.40 56.81 -34.65
C PHE C 10 88.41 57.15 -35.79
N VAL C 11 89.57 56.48 -35.82
CA VAL C 11 90.55 56.71 -36.91
C VAL C 11 90.08 56.07 -38.23
N GLU C 12 89.50 54.87 -38.13
CA GLU C 12 88.89 54.16 -39.26
C GLU C 12 87.46 53.71 -38.88
N TYR C 13 86.49 53.93 -39.78
CA TYR C 13 85.08 53.61 -39.50
C TYR C 13 84.74 52.14 -39.77
N LEU C 14 83.52 51.73 -39.42
CA LEU C 14 83.12 50.31 -39.45
C LEU C 14 83.21 49.61 -40.82
N SER C 15 84.20 48.74 -40.98
CA SER C 15 84.34 47.93 -42.19
C SER C 15 84.40 46.45 -41.79
N TRP C 16 84.21 45.55 -42.75
CA TRP C 16 84.18 44.13 -42.43
C TRP C 16 85.17 43.28 -43.22
N GLU C 17 85.11 41.97 -42.96
CA GLU C 17 85.90 40.97 -43.67
C GLU C 17 85.35 39.57 -43.37
N VAL C 18 85.83 38.56 -44.09
CA VAL C 18 85.40 37.18 -43.87
C VAL C 18 86.63 36.31 -43.51
N THR C 19 86.70 35.88 -42.25
CA THR C 19 87.87 35.18 -41.72
C THR C 19 87.55 33.80 -41.13
N GLY C 20 88.52 32.88 -41.19
CA GLY C 20 88.36 31.55 -40.64
C GLY C 20 87.19 30.77 -41.21
N GLU C 21 86.53 30.00 -40.35
CA GLU C 21 85.40 29.18 -40.77
C GLU C 21 84.14 30.01 -41.03
N CYS C 22 84.21 30.89 -42.02
CA CYS C 22 83.06 31.74 -42.37
C CYS C 22 82.47 32.51 -41.19
N ASN C 23 83.35 33.06 -40.36
CA ASN C 23 82.95 34.02 -39.35
C ASN C 23 83.10 35.42 -39.95
N VAL C 24 82.14 36.30 -39.71
CA VAL C 24 82.27 37.67 -40.17
C VAL C 24 82.96 38.51 -39.09
N LEU C 25 83.86 39.39 -39.51
CA LEU C 25 84.55 40.31 -38.58
C LEU C 25 84.16 41.77 -38.81
N LEU C 26 83.64 42.40 -37.77
CA LEU C 26 83.41 43.85 -37.75
C LEU C 26 84.65 44.55 -37.18
N LYS C 27 85.33 45.32 -38.03
CA LYS C 27 86.59 45.96 -37.64
C LYS C 27 86.47 47.48 -37.41
N CYS C 28 87.38 48.02 -36.62
CA CYS C 28 87.47 49.46 -36.39
C CYS C 28 88.78 49.82 -35.68
N LYS C 29 89.26 51.04 -35.91
CA LYS C 29 90.48 51.53 -35.26
C LYS C 29 90.20 52.78 -34.42
N VAL C 30 90.19 52.62 -33.09
CA VAL C 30 89.89 53.72 -32.16
C VAL C 30 91.16 54.33 -31.55
N ALA C 31 91.09 55.60 -31.15
CA ALA C 31 92.23 56.30 -30.56
C ALA C 31 91.79 57.20 -29.40
N ASN C 32 92.76 57.53 -28.55
CA ASN C 32 92.54 58.46 -27.44
C ASN C 32 91.65 57.88 -26.35
N ILE C 33 91.66 56.56 -26.28
CA ILE C 33 90.92 55.85 -25.24
C ILE C 33 91.57 56.06 -23.89
N LYS C 34 90.75 56.06 -22.84
CA LYS C 34 91.27 55.98 -21.47
C LYS C 34 90.64 54.76 -20.81
N LYS C 35 91.28 54.22 -19.78
CA LYS C 35 90.77 53.05 -19.10
C LYS C 35 89.41 53.32 -18.43
N GLU C 36 89.00 54.59 -18.44
CA GLU C 36 87.69 54.98 -17.93
C GLU C 36 86.69 55.17 -19.05
N THR C 37 87.01 54.63 -20.22
CA THR C 37 86.18 54.77 -21.42
C THR C 37 85.25 53.57 -21.60
N HIS C 38 84.09 53.81 -22.21
CA HIS C 38 83.11 52.74 -22.49
C HIS C 38 83.06 52.40 -24.01
N ILE C 39 82.95 51.11 -24.35
CA ILE C 39 82.82 50.68 -25.75
C ILE C 39 81.62 49.75 -25.94
N VAL C 40 80.52 50.32 -26.42
CA VAL C 40 79.28 49.59 -26.59
C VAL C 40 79.07 49.27 -28.07
N TRP C 41 78.45 48.13 -28.36
CA TRP C 41 78.15 47.74 -29.73
C TRP C 41 76.65 47.72 -29.94
N TYR C 42 76.19 48.08 -31.14
CA TYR C 42 74.74 48.17 -31.37
C TYR C 42 74.23 47.58 -32.69
N LYS C 43 73.28 46.65 -32.60
CA LYS C 43 72.59 46.13 -33.77
C LYS C 43 71.12 46.56 -33.78
N ASP C 44 70.75 47.38 -34.75
CA ASP C 44 69.39 47.92 -34.84
C ASP C 44 68.91 48.53 -33.51
N GLU C 45 69.62 49.56 -33.05
CA GLU C 45 69.27 50.32 -31.85
C GLU C 45 69.23 49.52 -30.53
N ARG C 46 69.73 48.29 -30.56
CA ARG C 46 69.73 47.44 -29.36
C ARG C 46 71.11 46.91 -28.96
N GLU C 47 71.42 47.06 -27.67
CA GLU C 47 72.74 46.68 -27.11
C GLU C 47 73.14 45.21 -27.25
N ILE C 48 74.28 44.99 -27.92
CA ILE C 48 74.96 43.69 -27.94
C ILE C 48 76.18 43.75 -27.04
N SER C 49 76.28 42.81 -26.11
CA SER C 49 77.36 42.81 -25.12
C SER C 49 78.44 41.77 -25.44
N VAL C 50 79.68 42.24 -25.58
CA VAL C 50 80.79 41.35 -25.81
C VAL C 50 81.23 40.74 -24.50
N ASP C 51 82.38 41.19 -23.99
CA ASP C 51 82.87 40.77 -22.69
C ASP C 51 82.37 41.75 -21.64
N GLU C 52 83.22 42.72 -21.32
CA GLU C 52 82.86 43.77 -20.38
C GLU C 52 83.62 45.05 -20.69
N LYS C 53 82.92 46.02 -21.26
CA LYS C 53 83.51 47.30 -21.62
C LYS C 53 83.16 48.36 -20.58
N GLY C 59 93.93 50.40 -31.02
CA GLY C 59 92.66 50.43 -31.71
C GLY C 59 92.14 49.03 -32.03
N ILE C 60 92.11 48.17 -31.02
CA ILE C 60 91.72 46.78 -31.21
C ILE C 60 90.35 46.48 -30.61
N CYS C 61 89.29 46.82 -31.34
CA CYS C 61 87.94 46.37 -30.98
C CYS C 61 87.38 45.50 -32.09
N THR C 62 86.69 44.42 -31.71
CA THR C 62 86.19 43.42 -32.65
C THR C 62 84.87 42.81 -32.17
N LEU C 63 84.04 42.38 -33.11
CA LEU C 63 82.80 41.66 -32.78
C LEU C 63 82.66 40.42 -33.66
N LEU C 64 82.52 39.25 -33.06
CA LEU C 64 82.45 38.00 -33.84
C LEU C 64 81.01 37.56 -34.13
N ILE C 65 80.73 37.29 -35.40
CA ILE C 65 79.41 36.79 -35.80
C ILE C 65 79.48 35.30 -36.14
N THR C 66 78.89 34.47 -35.28
CA THR C 66 78.97 33.02 -35.44
C THR C 66 77.81 32.49 -36.28
N GLU C 67 78.11 31.48 -37.10
CA GLU C 67 77.10 30.88 -37.96
C GLU C 67 76.23 31.97 -38.61
N PHE C 68 76.89 32.90 -39.30
CA PHE C 68 76.20 33.98 -39.99
C PHE C 68 74.91 33.52 -40.67
N SER C 69 73.90 34.39 -40.66
CA SER C 69 72.60 34.10 -41.29
C SER C 69 71.83 35.37 -41.67
N LYS C 70 70.55 35.22 -41.99
CA LYS C 70 69.70 36.36 -42.35
C LYS C 70 69.30 37.19 -41.12
N LYS C 71 69.33 36.54 -39.96
CA LYS C 71 68.96 37.14 -38.67
C LYS C 71 70.00 38.14 -38.15
N ASP C 72 71.27 37.86 -38.43
CA ASP C 72 72.36 38.74 -38.03
C ASP C 72 72.32 40.05 -38.81
N ALA C 73 71.24 40.28 -39.54
CA ALA C 73 71.09 41.49 -40.35
C ALA C 73 70.48 42.65 -39.55
N GLY C 74 70.72 43.88 -39.99
CA GLY C 74 70.28 45.07 -39.28
C GLY C 74 71.40 46.09 -39.24
N ILE C 75 71.17 47.22 -38.59
CA ILE C 75 72.17 48.30 -38.54
C ILE C 75 73.11 48.18 -37.35
N TYR C 76 74.41 48.30 -37.59
CA TYR C 76 75.38 48.20 -36.52
C TYR C 76 76.02 49.56 -36.17
N GLU C 77 76.24 49.78 -34.87
CA GLU C 77 76.93 50.97 -34.37
C GLU C 77 77.85 50.61 -33.20
N VAL C 78 79.03 51.22 -33.16
CA VAL C 78 79.94 51.08 -32.03
C VAL C 78 80.27 52.45 -31.46
N ILE C 79 79.66 52.78 -30.33
CA ILE C 79 79.79 54.10 -29.71
C ILE C 79 80.91 54.18 -28.66
N LEU C 80 81.70 55.26 -28.68
CA LEU C 80 82.80 55.48 -27.73
C LEU C 80 82.54 56.72 -26.89
N LYS C 81 82.48 56.60 -25.56
CA LYS C 81 82.18 57.76 -24.72
C LYS C 81 82.70 57.66 -23.27
N ASP C 82 83.12 58.80 -22.72
CA ASP C 82 83.40 58.93 -21.30
C ASP C 82 82.91 60.28 -20.81
N ASP C 83 83.69 60.98 -20.00
CA ASP C 83 83.32 62.34 -19.62
C ASP C 83 83.99 63.38 -20.53
N ARG C 84 85.01 62.95 -21.27
CA ARG C 84 85.78 63.82 -22.15
C ARG C 84 85.15 64.03 -23.55
N GLY C 85 84.49 62.99 -24.07
CA GLY C 85 83.83 63.10 -25.36
C GLY C 85 83.24 61.79 -25.89
N LYS C 86 82.14 61.91 -26.65
CA LYS C 86 81.48 60.74 -27.25
C LYS C 86 81.57 60.76 -28.78
N ASP C 87 81.87 59.60 -29.38
CA ASP C 87 81.97 59.46 -30.85
C ASP C 87 81.25 58.19 -31.36
N LYS C 88 80.56 58.31 -32.49
CA LYS C 88 79.82 57.19 -33.07
C LYS C 88 80.28 56.80 -34.48
N SER C 89 80.22 55.51 -34.77
CA SER C 89 80.43 54.99 -36.11
C SER C 89 79.22 54.15 -36.47
N ARG C 90 78.92 54.05 -37.75
CA ARG C 90 77.81 53.22 -38.17
C ARG C 90 78.20 52.26 -39.29
N LEU C 91 77.71 51.03 -39.20
CA LEU C 91 77.77 50.09 -40.30
C LEU C 91 76.35 49.69 -40.70
N LYS C 92 75.81 50.37 -41.71
CA LYS C 92 74.42 50.12 -42.11
C LYS C 92 74.30 48.87 -43.00
N LEU C 93 73.47 47.92 -42.55
CA LEU C 93 73.31 46.65 -43.25
C LEU C 93 71.84 46.27 -43.50
N VAL C 94 71.27 46.85 -44.55
CA VAL C 94 69.96 46.47 -45.06
C VAL C 94 69.95 46.75 -46.55
N ASP C 95 69.06 46.10 -47.29
CA ASP C 95 68.98 46.30 -48.74
C ASP C 95 70.30 45.97 -49.45
N GLU C 96 70.60 46.72 -50.52
CA GLU C 96 71.74 46.43 -51.41
C GLU C 96 73.08 46.20 -50.71
N ALA C 97 73.37 47.00 -49.69
CA ALA C 97 74.64 46.88 -48.98
C ALA C 97 74.78 45.53 -48.30
N PHE C 98 73.64 44.89 -48.01
CA PHE C 98 73.61 43.57 -47.38
C PHE C 98 73.56 42.45 -48.43
N LYS C 99 73.03 42.76 -49.61
CA LYS C 99 72.96 41.80 -50.70
C LYS C 99 74.36 41.44 -51.21
N GLU C 100 75.31 42.32 -50.93
CA GLU C 100 76.71 42.10 -51.30
C GLU C 100 77.51 41.42 -50.19
N LEU C 101 76.97 41.42 -48.97
CA LEU C 101 77.63 40.74 -47.87
C LEU C 101 77.34 39.23 -47.96
N MET C 102 76.11 38.90 -48.31
CA MET C 102 75.70 37.50 -48.46
C MET C 102 76.54 36.81 -49.53
N MET C 103 76.62 37.42 -50.72
CA MET C 103 77.34 36.84 -51.85
C MET C 103 78.86 36.80 -51.66
N GLU C 104 79.36 37.51 -50.65
CA GLU C 104 80.79 37.52 -50.37
C GLU C 104 81.13 36.50 -49.29
N VAL C 105 80.19 36.28 -48.37
CA VAL C 105 80.35 35.21 -47.39
C VAL C 105 80.20 33.89 -48.13
N CYS C 106 79.42 33.91 -49.20
CA CYS C 106 79.22 32.72 -50.04
C CYS C 106 80.44 32.41 -50.91
N LYS C 107 80.99 33.43 -51.55
CA LYS C 107 82.25 33.30 -52.29
C LYS C 107 83.27 32.48 -51.50
N LYS C 108 83.55 32.91 -50.26
CA LYS C 108 84.49 32.18 -49.41
C LYS C 108 84.05 30.74 -49.20
N ILE C 109 82.74 30.51 -49.10
CA ILE C 109 82.20 29.16 -48.88
C ILE C 109 82.47 28.23 -50.06
N ALA C 110 81.82 28.51 -51.18
CA ALA C 110 81.98 27.74 -52.40
C ALA C 110 83.45 27.43 -52.70
N LEU C 111 84.29 28.45 -52.58
CA LEU C 111 85.70 28.32 -52.93
C LEU C 111 86.47 27.35 -52.04
N SER C 112 85.76 26.52 -51.29
CA SER C 112 86.43 25.60 -50.38
C SER C 112 85.52 24.45 -49.91
N ALA C 113 85.53 23.36 -50.68
CA ALA C 113 84.82 22.11 -50.38
C ALA C 113 85.59 20.93 -50.97
N THR C 114 85.75 19.84 -50.21
CA THR C 114 86.52 18.68 -50.67
C THR C 114 86.02 18.13 -52.00
N ASP C 115 86.85 17.35 -52.68
CA ASP C 115 86.44 16.71 -53.92
C ASP C 115 85.26 15.78 -53.67
N LEU C 116 84.24 15.89 -54.51
CA LEU C 116 83.09 15.00 -54.46
C LEU C 116 83.56 13.59 -54.17
N LYS C 117 82.82 12.88 -53.32
CA LYS C 117 83.15 11.51 -53.02
C LYS C 117 81.91 10.67 -53.16
N ILE C 118 82.12 9.37 -53.38
CA ILE C 118 81.02 8.45 -53.61
C ILE C 118 80.94 7.45 -52.47
N GLN C 119 79.72 7.08 -52.11
CA GLN C 119 79.47 6.33 -50.91
C GLN C 119 78.23 5.51 -51.15
N SER C 120 78.26 4.28 -50.70
CA SER C 120 77.09 3.42 -50.82
C SER C 120 76.39 3.35 -49.46
N THR C 121 75.07 3.45 -49.46
CA THR C 121 74.32 3.33 -48.23
C THR C 121 73.50 2.10 -48.42
N ALA C 122 72.88 1.65 -47.35
CA ALA C 122 72.06 0.46 -47.42
C ALA C 122 70.89 0.68 -48.39
N GLU C 123 70.56 1.96 -48.63
CA GLU C 123 69.39 2.40 -49.41
C GLU C 123 69.69 2.73 -50.88
N GLY C 124 70.93 3.13 -51.17
CA GLY C 124 71.32 3.54 -52.52
C GLY C 124 72.78 3.96 -52.75
N ILE C 125 72.97 5.01 -53.55
CA ILE C 125 74.30 5.52 -53.89
C ILE C 125 74.42 7.01 -53.64
N GLN C 126 75.50 7.42 -52.98
CA GLN C 126 75.64 8.78 -52.45
C GLN C 126 76.80 9.59 -52.97
N LEU C 127 76.49 10.76 -53.49
CA LEU C 127 77.52 11.76 -53.78
C LEU C 127 77.50 12.83 -52.68
N TYR C 128 78.65 13.35 -52.31
CA TYR C 128 78.66 14.31 -51.20
C TYR C 128 79.92 15.13 -51.12
N SER C 129 79.78 16.38 -50.68
CA SER C 129 80.91 17.28 -50.43
C SER C 129 80.81 17.96 -49.05
N PHE C 130 81.95 18.14 -48.39
CA PHE C 130 81.98 18.76 -47.07
C PHE C 130 82.34 20.25 -47.14
N VAL C 131 81.41 21.11 -46.76
CA VAL C 131 81.73 22.54 -46.64
C VAL C 131 82.29 22.83 -45.24
N THR C 132 83.57 23.20 -45.19
CA THR C 132 84.21 23.54 -43.91
C THR C 132 83.48 24.70 -43.21
N TYR C 133 82.23 24.89 -43.63
CA TYR C 133 81.39 26.00 -43.22
C TYR C 133 79.90 25.63 -43.15
N TYR C 134 79.07 26.56 -43.60
CA TYR C 134 77.64 26.51 -43.35
C TYR C 134 76.86 26.71 -44.63
N VAL C 135 75.76 26.00 -44.76
CA VAL C 135 74.77 26.33 -45.77
C VAL C 135 73.55 26.90 -45.07
N GLU C 136 73.18 28.14 -45.39
CA GLU C 136 71.93 28.70 -44.89
C GLU C 136 70.92 28.87 -46.03
N ASP C 137 71.11 29.88 -46.86
CA ASP C 137 70.29 30.08 -48.04
C ASP C 137 71.21 30.11 -49.25
N LEU C 138 71.84 28.98 -49.53
CA LEU C 138 72.78 28.88 -50.65
C LEU C 138 72.17 28.05 -51.79
N LYS C 139 72.23 28.59 -53.00
CA LYS C 139 71.59 27.99 -54.17
C LYS C 139 72.21 26.64 -54.60
N VAL C 140 71.36 25.63 -54.70
CA VAL C 140 71.77 24.26 -55.00
C VAL C 140 71.55 23.85 -56.45
N ASN C 141 72.60 23.39 -57.12
CA ASN C 141 72.48 22.94 -58.50
C ASN C 141 73.01 21.53 -58.73
N TRP C 142 72.09 20.57 -58.78
CA TRP C 142 72.43 19.19 -59.13
C TRP C 142 71.93 18.85 -60.53
N SER C 143 72.87 18.67 -61.45
CA SER C 143 72.53 18.38 -62.83
C SER C 143 73.12 17.05 -63.25
N HIS C 144 72.32 16.25 -63.94
CA HIS C 144 72.76 14.92 -64.36
C HIS C 144 73.00 14.85 -65.86
N ASN C 145 74.28 14.89 -66.25
CA ASN C 145 74.65 14.88 -67.67
C ASN C 145 74.40 16.21 -68.37
N GLY C 146 74.57 17.31 -67.64
CA GLY C 146 74.39 18.63 -68.19
C GLY C 146 72.92 19.03 -68.20
N SER C 147 72.12 18.28 -67.46
CA SER C 147 70.68 18.51 -67.42
C SER C 147 70.13 18.60 -66.00
N ALA C 148 69.18 19.52 -65.81
CA ALA C 148 68.49 19.65 -64.54
C ALA C 148 67.95 18.29 -64.18
N ILE C 149 68.14 17.91 -62.93
CA ILE C 149 67.68 16.61 -62.50
C ILE C 149 66.21 16.63 -62.10
N ARG C 150 65.43 15.73 -62.69
CA ARG C 150 64.06 15.53 -62.25
C ARG C 150 64.01 14.87 -60.87
N TYR C 151 63.80 15.67 -59.83
CA TYR C 151 63.73 15.15 -58.46
C TYR C 151 62.38 14.48 -58.20
N SER C 152 62.38 13.20 -57.84
CA SER C 152 61.14 12.46 -57.58
C SER C 152 61.05 11.87 -56.17
N ASP C 153 60.47 10.68 -56.06
CA ASP C 153 60.50 9.94 -54.80
C ASP C 153 61.64 8.91 -54.77
N ARG C 154 62.58 9.04 -55.72
CA ARG C 154 63.73 8.13 -55.90
C ARG C 154 65.05 8.92 -55.89
N VAL C 155 65.00 10.16 -56.39
CA VAL C 155 66.19 10.98 -56.53
C VAL C 155 66.02 12.32 -55.81
N LYS C 156 66.48 12.38 -54.56
CA LYS C 156 66.43 13.64 -53.80
C LYS C 156 67.79 14.32 -53.67
N THR C 157 67.79 15.65 -53.60
CA THR C 157 68.99 16.38 -53.26
C THR C 157 68.78 17.01 -51.90
N GLY C 158 69.84 17.53 -51.31
CA GLY C 158 69.72 18.15 -50.01
C GLY C 158 71.04 18.44 -49.34
N VAL C 159 70.95 18.85 -48.09
CA VAL C 159 72.10 19.32 -47.33
C VAL C 159 71.87 19.23 -45.81
N THR C 160 72.73 18.47 -45.14
CA THR C 160 72.57 18.20 -43.71
C THR C 160 73.84 18.47 -42.90
N GLY C 161 73.77 19.46 -42.01
CA GLY C 161 74.87 19.81 -41.14
C GLY C 161 76.25 19.65 -41.75
N GLU C 162 76.81 20.75 -42.25
CA GLU C 162 78.17 20.75 -42.79
C GLU C 162 78.30 19.94 -44.10
N GLN C 163 77.21 19.34 -44.58
CA GLN C 163 77.30 18.41 -45.72
C GLN C 163 76.22 18.53 -46.81
N ILE C 164 76.65 18.52 -48.06
CA ILE C 164 75.74 18.54 -49.21
C ILE C 164 75.71 17.16 -49.84
N TRP C 165 74.61 16.84 -50.51
CA TRP C 165 74.52 15.51 -51.12
C TRP C 165 73.45 15.35 -52.18
N LEU C 166 73.52 14.19 -52.83
CA LEU C 166 72.56 13.73 -53.80
C LEU C 166 72.26 12.24 -53.59
N GLN C 167 71.03 11.95 -53.16
CA GLN C 167 70.60 10.61 -52.81
C GLN C 167 69.99 9.89 -54.01
N ILE C 168 70.65 8.83 -54.43
CA ILE C 168 70.20 8.04 -55.58
C ILE C 168 69.73 6.70 -55.08
N ASN C 169 68.50 6.68 -54.59
CA ASN C 169 67.92 5.44 -54.11
C ASN C 169 67.95 4.42 -55.24
N GLU C 170 67.76 3.15 -54.89
CA GLU C 170 67.69 2.08 -55.89
C GLU C 170 68.29 2.47 -57.23
N PRO C 171 69.62 2.50 -57.32
CA PRO C 171 70.25 2.99 -58.53
C PRO C 171 70.27 1.93 -59.61
N THR C 172 70.01 2.35 -60.84
CA THR C 172 70.27 1.54 -62.02
C THR C 172 71.57 2.10 -62.59
N PRO C 173 72.02 1.55 -63.74
CA PRO C 173 73.15 2.08 -64.53
C PRO C 173 72.70 3.29 -65.32
N ASN C 174 71.38 3.43 -65.42
CA ASN C 174 70.79 4.59 -66.06
C ASN C 174 71.08 5.84 -65.24
N ASP C 175 71.32 5.65 -63.94
CA ASP C 175 71.70 6.75 -63.07
C ASP C 175 73.18 7.06 -63.25
N LYS C 176 73.83 6.33 -64.16
CA LYS C 176 75.27 6.52 -64.40
C LYS C 176 75.48 7.77 -65.24
N GLY C 177 76.58 8.48 -65.01
CA GLY C 177 76.88 9.71 -65.76
C GLY C 177 77.47 10.87 -64.97
N LYS C 178 77.77 11.96 -65.69
CA LYS C 178 78.45 13.14 -65.12
C LYS C 178 77.53 14.12 -64.40
N TYR C 179 77.45 13.95 -63.09
CA TYR C 179 76.67 14.83 -62.25
C TYR C 179 77.42 16.13 -62.00
N VAL C 180 76.68 17.22 -61.82
CA VAL C 180 77.30 18.49 -61.53
C VAL C 180 76.73 19.04 -60.24
N MET C 181 77.54 19.81 -59.53
CA MET C 181 77.06 20.51 -58.35
C MET C 181 77.56 21.95 -58.36
N GLU C 182 76.73 22.84 -58.87
CA GLU C 182 77.09 24.26 -58.95
C GLU C 182 76.63 25.00 -57.71
N LEU C 183 77.56 25.70 -57.08
CA LEU C 183 77.24 26.56 -55.93
C LEU C 183 77.15 27.99 -56.45
N PHE C 184 76.02 28.65 -56.21
CA PHE C 184 75.81 29.96 -56.83
C PHE C 184 75.73 31.12 -55.84
N ASP C 185 76.79 31.92 -55.81
CA ASP C 185 76.85 33.10 -54.94
C ASP C 185 76.88 34.37 -55.78
N GLY C 186 75.72 34.98 -55.96
CA GLY C 186 75.61 36.18 -56.78
C GLY C 186 76.03 35.92 -58.21
N LYS C 187 76.76 36.87 -58.79
CA LYS C 187 77.24 36.71 -60.15
C LYS C 187 78.56 35.93 -60.19
N THR C 188 78.57 34.77 -59.53
CA THR C 188 79.74 33.88 -59.53
C THR C 188 79.31 32.42 -59.43
N GLY C 189 80.11 31.53 -59.99
CA GLY C 189 79.79 30.11 -59.97
C GLY C 189 80.99 29.19 -59.86
N HIS C 190 81.19 28.64 -58.67
CA HIS C 190 82.21 27.63 -58.46
C HIS C 190 81.52 26.26 -58.36
N GLN C 191 81.88 25.32 -59.23
CA GLN C 191 81.16 24.04 -59.26
C GLN C 191 82.05 22.80 -59.10
N LYS C 192 81.41 21.66 -58.80
CA LYS C 192 82.11 20.39 -58.62
C LYS C 192 81.47 19.27 -59.43
N THR C 193 82.26 18.64 -60.30
CA THR C 193 81.78 17.54 -61.14
C THR C 193 82.27 16.18 -60.63
N VAL C 194 81.64 15.12 -61.10
CA VAL C 194 82.09 13.77 -60.81
C VAL C 194 81.37 12.73 -61.68
N ASP C 195 82.13 11.81 -62.26
CA ASP C 195 81.61 10.92 -63.28
C ASP C 195 81.30 9.54 -62.71
N LEU C 196 80.02 9.23 -62.58
CA LEU C 196 79.64 7.90 -62.10
C LEU C 196 79.67 6.94 -63.29
N SER C 197 80.79 6.23 -63.43
CA SER C 197 80.88 5.20 -64.45
C SER C 197 81.95 4.17 -64.12
N GLY C 198 81.81 3.01 -64.75
CA GLY C 198 82.85 2.02 -64.79
C GLY C 198 83.30 1.50 -63.44
N GLN C 199 84.61 1.39 -63.27
CA GLN C 199 85.17 0.72 -62.10
C GLN C 199 84.76 1.40 -60.80
N ALA C 200 84.59 2.71 -60.81
CA ALA C 200 84.17 3.39 -59.59
C ALA C 200 82.80 2.86 -59.15
N TYR C 201 81.86 2.88 -60.08
CA TYR C 201 80.51 2.36 -59.88
C TYR C 201 80.52 0.86 -59.62
N ASP C 202 81.23 0.10 -60.45
CA ASP C 202 81.39 -1.34 -60.24
C ASP C 202 81.48 -1.67 -58.75
N GLU C 203 82.29 -0.91 -58.01
CA GLU C 203 82.48 -1.12 -56.56
C GLU C 203 81.36 -0.53 -55.74
N ALA C 204 80.97 0.69 -56.08
CA ALA C 204 79.98 1.44 -55.33
C ALA C 204 78.70 0.69 -55.33
N TYR C 205 78.10 0.57 -56.49
CA TYR C 205 76.91 -0.26 -56.63
C TYR C 205 77.14 -1.67 -56.03
N ALA C 206 78.28 -2.28 -56.37
CA ALA C 206 78.71 -3.56 -55.81
C ALA C 206 78.29 -3.67 -54.37
N GLU C 207 78.88 -2.79 -53.57
CA GLU C 207 78.64 -2.68 -52.15
C GLU C 207 77.18 -2.37 -51.85
N PHE C 208 76.68 -1.30 -52.45
CA PHE C 208 75.31 -0.89 -52.16
C PHE C 208 74.36 -2.06 -52.09
N GLN C 209 74.56 -3.03 -52.98
CA GLN C 209 73.67 -4.16 -52.97
C GLN C 209 73.91 -5.00 -51.72
N ARG C 210 75.17 -5.32 -51.47
CA ARG C 210 75.50 -6.06 -50.25
C ARG C 210 74.78 -5.52 -49.05
N LEU C 211 74.92 -4.24 -48.80
CA LEU C 211 74.24 -3.61 -47.67
C LEU C 211 72.73 -3.74 -47.68
N LYS C 212 72.16 -3.80 -48.88
CA LYS C 212 70.72 -3.93 -49.07
C LYS C 212 70.34 -5.33 -48.71
N GLN C 213 70.80 -6.29 -49.49
CA GLN C 213 70.45 -7.66 -49.22
C GLN C 213 70.68 -7.93 -47.74
N ALA C 214 71.82 -7.48 -47.26
CA ALA C 214 72.16 -7.71 -45.86
C ALA C 214 71.24 -7.04 -44.87
N ALA C 215 70.65 -5.92 -45.26
CA ALA C 215 69.75 -5.20 -44.37
C ALA C 215 68.39 -5.86 -44.36
N ILE C 216 68.05 -6.49 -45.48
CA ILE C 216 66.78 -7.17 -45.65
C ILE C 216 66.72 -8.27 -44.64
N ALA C 217 67.81 -9.03 -44.61
CA ALA C 217 68.06 -10.09 -43.66
C ALA C 217 68.05 -9.67 -42.18
N GLU C 218 68.87 -8.69 -41.82
CA GLU C 218 68.93 -8.33 -40.42
C GLU C 218 67.69 -7.58 -40.08
N LYS C 219 66.56 -8.17 -40.38
CA LYS C 219 65.34 -7.47 -40.21
C LYS C 219 64.17 -8.38 -40.40
N ASN C 220 64.47 -9.60 -40.83
CA ASN C 220 63.48 -10.65 -41.03
C ASN C 220 64.04 -11.98 -40.62
N ARG C 221 65.34 -12.10 -40.49
CA ARG C 221 65.82 -13.39 -40.05
C ARG C 221 65.02 -13.62 -38.80
N ALA C 222 64.51 -14.83 -38.67
CA ALA C 222 63.69 -15.14 -37.56
C ALA C 222 64.52 -14.83 -36.33
N ARG C 223 64.18 -13.80 -35.55
CA ARG C 223 64.77 -13.60 -34.21
C ARG C 223 63.83 -14.16 -33.11
N VAL C 224 64.42 -14.54 -31.98
CA VAL C 224 63.64 -14.83 -30.77
C VAL C 224 63.53 -13.57 -29.96
N LEU C 225 62.30 -13.11 -29.80
CA LEU C 225 62.03 -11.83 -29.20
C LEU C 225 62.29 -11.74 -27.71
N GLY C 226 61.56 -12.50 -26.91
CA GLY C 226 61.84 -12.52 -25.50
C GLY C 226 60.73 -13.04 -24.64
N GLY C 227 61.10 -13.71 -23.56
CA GLY C 227 60.12 -14.17 -22.59
C GLY C 227 60.62 -15.35 -21.77
N LEU C 228 61.70 -15.97 -22.21
CA LEU C 228 62.19 -17.12 -21.47
C LEU C 228 63.28 -16.72 -20.48
N PRO C 229 63.40 -17.47 -19.39
CA PRO C 229 64.38 -17.39 -18.33
C PRO C 229 65.60 -18.10 -18.82
N ASP C 230 66.62 -18.24 -17.99
CA ASP C 230 67.85 -18.91 -18.41
C ASP C 230 67.94 -20.14 -17.58
N VAL C 231 67.36 -20.03 -16.40
CA VAL C 231 67.20 -21.19 -15.53
C VAL C 231 66.01 -21.01 -14.61
N VAL C 232 65.11 -21.99 -14.66
CA VAL C 232 64.00 -22.13 -13.74
C VAL C 232 64.24 -23.29 -12.77
N THR C 233 63.72 -23.11 -11.58
CA THR C 233 63.87 -24.08 -10.57
C THR C 233 62.53 -24.20 -9.92
N ILE C 234 62.08 -25.44 -9.78
CA ILE C 234 60.71 -25.68 -9.39
C ILE C 234 60.75 -26.92 -8.52
N GLN C 235 59.82 -27.06 -7.60
CA GLN C 235 59.84 -28.30 -6.85
C GLN C 235 59.03 -29.37 -7.56
N GLU C 236 59.54 -30.59 -7.52
CA GLU C 236 58.95 -31.76 -8.17
C GLU C 236 57.47 -31.72 -8.01
N GLY C 237 56.77 -31.88 -9.11
CA GLY C 237 55.32 -32.01 -9.04
C GLY C 237 54.47 -30.79 -9.37
N LYS C 238 55.01 -29.59 -9.25
CA LYS C 238 54.22 -28.43 -9.61
C LYS C 238 54.27 -28.27 -11.12
N ALA C 239 53.49 -27.35 -11.67
CA ALA C 239 53.48 -27.17 -13.14
C ALA C 239 54.10 -25.86 -13.60
N LEU C 240 54.73 -25.92 -14.77
CA LEU C 240 55.58 -24.87 -15.23
C LEU C 240 54.99 -24.18 -16.46
N ASN C 241 55.08 -22.88 -16.52
CA ASN C 241 54.42 -22.19 -17.61
C ASN C 241 55.22 -21.08 -18.25
N LEU C 242 56.19 -21.48 -19.09
CA LEU C 242 57.00 -20.50 -19.83
C LEU C 242 56.30 -20.18 -21.13
N THR C 243 56.77 -19.11 -21.75
CA THR C 243 56.22 -18.64 -23.01
C THR C 243 57.27 -17.79 -23.56
N CYS C 244 57.03 -17.23 -24.73
CA CYS C 244 58.12 -16.71 -25.49
C CYS C 244 57.64 -16.24 -26.82
N ASN C 245 57.78 -14.97 -27.14
CA ASN C 245 57.29 -14.52 -28.43
C ASN C 245 58.45 -14.53 -29.40
N VAL C 246 58.15 -14.90 -30.67
CA VAL C 246 59.15 -15.01 -31.73
C VAL C 246 58.81 -14.09 -32.86
N TRP C 247 59.63 -14.04 -33.89
CA TRP C 247 59.23 -13.25 -35.02
C TRP C 247 60.05 -13.53 -36.24
N GLY C 248 59.46 -13.28 -37.40
CA GLY C 248 60.10 -13.60 -38.65
C GLY C 248 59.28 -13.23 -39.86
N ASP C 249 59.90 -13.23 -41.02
CA ASP C 249 59.18 -12.94 -42.21
C ASP C 249 59.96 -13.53 -43.35
N PRO C 250 59.54 -14.68 -43.86
CA PRO C 250 58.29 -15.38 -43.57
C PRO C 250 58.28 -15.91 -42.16
N PRO C 251 57.10 -16.04 -41.55
CA PRO C 251 56.97 -16.44 -40.15
C PRO C 251 57.72 -17.71 -40.01
N PRO C 252 58.50 -17.83 -38.94
CA PRO C 252 59.48 -18.88 -38.68
C PRO C 252 58.80 -20.20 -38.40
N GLU C 253 59.58 -21.27 -38.38
CA GLU C 253 59.04 -22.51 -37.85
C GLU C 253 59.82 -22.79 -36.62
N VAL C 254 59.15 -23.34 -35.62
CA VAL C 254 59.80 -23.54 -34.34
C VAL C 254 59.93 -25.00 -34.10
N SER C 255 60.87 -25.34 -33.25
CA SER C 255 61.03 -26.70 -32.83
C SER C 255 61.69 -26.54 -31.49
N TRP C 256 61.73 -27.63 -30.73
CA TRP C 256 62.39 -27.58 -29.44
C TRP C 256 63.39 -28.71 -29.28
N LEU C 257 64.08 -28.72 -28.16
CA LEU C 257 64.99 -29.81 -27.86
C LEU C 257 65.19 -29.97 -26.39
N LYS C 258 65.29 -31.21 -25.95
CA LYS C 258 65.64 -31.48 -24.57
C LYS C 258 66.98 -32.21 -24.53
N ASN C 259 68.02 -31.44 -24.34
CA ASN C 259 69.36 -31.98 -24.28
C ASN C 259 69.91 -32.37 -25.64
N GLU C 260 69.89 -31.40 -26.55
CA GLU C 260 70.60 -31.51 -27.79
C GLU C 260 69.95 -32.52 -28.68
N LYS C 261 68.77 -32.94 -28.24
CA LYS C 261 68.02 -33.96 -28.94
C LYS C 261 66.61 -33.40 -29.09
N ALA C 262 66.10 -33.50 -30.32
CA ALA C 262 64.85 -32.88 -30.65
C ALA C 262 63.75 -33.63 -29.94
N LEU C 263 62.89 -32.86 -29.30
CA LEU C 263 61.84 -33.35 -28.45
C LEU C 263 60.55 -32.89 -29.04
N ALA C 264 59.59 -33.80 -29.10
CA ALA C 264 58.31 -33.45 -29.62
C ALA C 264 57.27 -33.39 -28.54
N SER C 265 56.27 -32.55 -28.79
CA SER C 265 55.15 -32.25 -27.92
C SER C 265 54.38 -33.48 -27.47
N ASP C 266 54.10 -33.55 -26.18
CA ASP C 266 53.32 -34.66 -25.64
C ASP C 266 52.10 -34.10 -24.91
N ASP C 267 51.37 -34.94 -24.17
CA ASP C 267 50.22 -34.44 -23.45
C ASP C 267 50.63 -34.03 -22.07
N HIS C 268 51.86 -34.36 -21.75
CA HIS C 268 52.39 -34.15 -20.43
C HIS C 268 53.33 -32.97 -20.45
N CYS C 269 54.22 -32.97 -21.41
CA CYS C 269 55.08 -31.82 -21.62
C CYS C 269 54.73 -31.16 -22.92
N ASN C 270 53.74 -30.28 -22.88
CA ASN C 270 53.15 -29.74 -24.09
C ASN C 270 53.81 -28.49 -24.66
N LEU C 271 54.06 -28.51 -25.98
CA LEU C 271 54.50 -27.32 -26.72
C LEU C 271 53.38 -26.95 -27.66
N LYS C 272 53.15 -25.66 -27.85
CA LYS C 272 52.21 -25.20 -28.86
C LYS C 272 52.92 -24.08 -29.56
N PHE C 273 52.20 -23.35 -30.38
CA PHE C 273 52.77 -22.24 -31.14
C PHE C 273 51.63 -21.67 -31.93
N GLU C 274 51.06 -20.57 -31.47
CA GLU C 274 49.96 -20.04 -32.23
C GLU C 274 50.23 -18.69 -32.88
N ALA C 275 49.46 -18.45 -33.94
CA ALA C 275 49.58 -17.28 -34.80
C ALA C 275 51.01 -16.93 -35.21
N GLY C 276 51.93 -17.86 -35.07
CA GLY C 276 53.31 -17.61 -35.48
C GLY C 276 54.06 -16.51 -34.76
N ARG C 277 53.61 -16.10 -33.57
CA ARG C 277 54.37 -15.10 -32.81
C ARG C 277 54.54 -15.43 -31.32
N THR C 278 54.13 -16.64 -30.96
CA THR C 278 54.21 -17.08 -29.57
C THR C 278 54.34 -18.58 -29.45
N ALA C 279 55.32 -19.01 -28.68
CA ALA C 279 55.53 -20.42 -28.40
C ALA C 279 55.17 -20.62 -26.94
N TYR C 280 54.32 -21.61 -26.64
CA TYR C 280 54.03 -21.93 -25.24
C TYR C 280 54.72 -23.23 -24.82
N PHE C 281 55.58 -23.18 -23.82
CA PHE C 281 56.18 -24.40 -23.33
C PHE C 281 55.53 -24.65 -22.01
N THR C 282 55.10 -25.88 -21.79
CA THR C 282 54.20 -26.20 -20.67
C THR C 282 54.31 -27.61 -20.12
N ILE C 283 55.21 -27.83 -19.18
CA ILE C 283 55.25 -29.08 -18.47
C ILE C 283 54.14 -29.09 -17.48
N ASN C 284 53.61 -30.27 -17.19
CA ASN C 284 52.38 -30.34 -16.45
C ASN C 284 52.54 -31.28 -15.29
N GLY C 285 53.34 -30.89 -14.29
CA GLY C 285 53.65 -31.76 -13.18
C GLY C 285 55.09 -32.24 -13.34
N VAL C 286 56.00 -31.27 -13.21
CA VAL C 286 57.41 -31.51 -13.43
C VAL C 286 57.97 -32.58 -12.55
N SER C 287 58.37 -33.69 -13.17
CA SER C 287 59.12 -34.73 -12.48
C SER C 287 60.59 -34.44 -12.65
N THR C 288 61.42 -35.21 -11.96
CA THR C 288 62.86 -35.10 -12.11
C THR C 288 63.22 -35.36 -13.57
N ALA C 289 62.71 -36.48 -14.08
CA ALA C 289 62.73 -36.79 -15.50
C ALA C 289 62.48 -35.60 -16.41
N ASP C 290 61.69 -34.65 -15.97
CA ASP C 290 61.36 -33.54 -16.84
C ASP C 290 62.40 -32.46 -16.72
N SER C 291 63.25 -32.55 -15.72
CA SER C 291 64.26 -31.51 -15.58
C SER C 291 65.08 -31.59 -16.82
N GLY C 292 65.97 -30.62 -17.01
CA GLY C 292 66.98 -30.74 -18.05
C GLY C 292 67.33 -29.47 -18.79
N LYS C 293 67.94 -29.64 -19.95
CA LYS C 293 68.41 -28.52 -20.76
C LYS C 293 67.61 -28.35 -22.02
N TYR C 294 66.68 -27.44 -21.96
CA TYR C 294 65.75 -27.30 -23.04
C TYR C 294 66.22 -26.21 -23.96
N GLY C 295 65.63 -26.19 -25.15
CA GLY C 295 66.12 -25.38 -26.24
C GLY C 295 64.99 -25.14 -27.23
N LEU C 296 64.86 -23.88 -27.63
CA LEU C 296 63.80 -23.45 -28.55
C LEU C 296 64.45 -22.85 -29.77
N VAL C 297 64.25 -23.49 -30.93
CA VAL C 297 64.89 -23.04 -32.14
C VAL C 297 63.87 -22.62 -33.15
N VAL C 298 63.97 -21.38 -33.56
CA VAL C 298 63.15 -20.89 -34.63
C VAL C 298 64.12 -20.55 -35.72
N LYS C 299 63.67 -20.65 -36.96
CA LYS C 299 64.49 -20.28 -38.09
C LYS C 299 63.56 -20.08 -39.27
N ASN C 300 64.04 -19.29 -40.22
CA ASN C 300 63.45 -19.15 -41.52
C ASN C 300 64.52 -18.88 -42.56
N LYS C 301 64.06 -18.65 -43.78
CA LYS C 301 64.97 -18.56 -44.91
C LYS C 301 66.10 -17.55 -44.68
N TYR C 302 65.85 -16.51 -43.90
CA TYR C 302 66.85 -15.46 -43.72
C TYR C 302 67.84 -15.78 -42.62
N GLY C 303 67.50 -16.69 -41.73
CA GLY C 303 68.41 -17.08 -40.68
C GLY C 303 67.75 -17.84 -39.54
N SER C 304 68.47 -18.01 -38.44
CA SER C 304 67.89 -18.67 -37.29
C SER C 304 68.38 -18.06 -35.96
N GLU C 305 68.07 -18.78 -34.87
CA GLU C 305 68.27 -18.33 -33.49
C GLU C 305 67.81 -19.45 -32.57
N THR C 306 68.48 -19.60 -31.43
CA THR C 306 68.00 -20.48 -30.37
C THR C 306 68.01 -19.77 -29.04
N SER C 307 66.99 -20.01 -28.24
CA SER C 307 66.91 -19.52 -26.89
C SER C 307 67.00 -20.72 -25.96
N ASP C 308 67.94 -20.72 -25.03
CA ASP C 308 68.10 -21.83 -24.12
C ASP C 308 67.64 -21.59 -22.73
N PHE C 309 67.10 -22.61 -22.09
CA PHE C 309 67.01 -22.54 -20.65
C PHE C 309 67.19 -23.88 -19.99
N THR C 310 67.17 -23.89 -18.65
CA THR C 310 67.39 -25.12 -17.92
C THR C 310 66.38 -25.20 -16.84
N VAL C 311 65.63 -26.29 -16.84
CA VAL C 311 64.73 -26.57 -15.75
C VAL C 311 65.45 -27.41 -14.72
N SER C 312 65.63 -26.89 -13.52
CA SER C 312 66.15 -27.74 -12.48
C SER C 312 65.07 -27.91 -11.44
N VAL C 313 65.19 -28.98 -10.68
CA VAL C 313 64.12 -29.41 -9.84
C VAL C 313 64.72 -29.87 -8.56
N PHE C 314 64.06 -29.54 -7.46
CA PHE C 314 64.35 -30.18 -6.20
C PHE C 314 63.09 -30.89 -5.73
N ILE C 315 63.31 -31.90 -4.91
CA ILE C 315 62.27 -32.70 -4.28
C ILE C 315 61.94 -32.29 -2.84
N PRO C 316 60.65 -32.11 -2.55
CA PRO C 316 60.38 -31.47 -1.26
C PRO C 316 59.95 -32.56 -0.28
N ASP D 3 48.87 -100.46 3.13
CA ASP D 3 49.35 -100.53 1.75
C ASP D 3 49.25 -101.89 1.10
N PRO D 4 48.52 -102.03 -0.02
CA PRO D 4 48.60 -103.41 -0.52
C PRO D 4 49.56 -103.89 -1.69
N PHE D 5 49.08 -104.35 -2.84
CA PHE D 5 48.04 -103.66 -3.58
C PHE D 5 46.60 -104.17 -3.95
N THR D 6 45.67 -103.24 -3.71
CA THR D 6 44.29 -103.23 -4.20
C THR D 6 43.90 -101.83 -4.73
N GLY D 7 44.62 -100.78 -4.33
CA GLY D 7 44.37 -99.42 -4.86
C GLY D 7 43.68 -98.42 -3.91
N PRO D 8 44.01 -97.12 -4.01
CA PRO D 8 43.72 -96.21 -2.89
C PRO D 8 42.23 -96.22 -2.65
N HIS D 9 41.76 -95.58 -1.60
CA HIS D 9 40.34 -95.54 -1.38
C HIS D 9 40.00 -94.50 -0.37
N PHE D 10 38.75 -94.06 -0.36
CA PHE D 10 38.35 -93.09 0.64
C PHE D 10 37.98 -93.78 1.93
N VAL D 11 38.04 -93.01 3.00
CA VAL D 11 37.68 -93.47 4.33
C VAL D 11 36.48 -92.66 4.75
N GLU D 12 36.43 -91.41 4.31
CA GLU D 12 35.30 -90.56 4.58
C GLU D 12 35.04 -89.94 3.26
N TYR D 13 33.76 -89.75 2.94
CA TYR D 13 33.41 -89.22 1.62
C TYR D 13 33.32 -87.70 1.64
N LEU D 14 33.01 -87.11 0.50
CA LEU D 14 33.09 -85.67 0.38
C LEU D 14 32.06 -84.94 1.23
N SER D 15 32.49 -83.87 1.90
CA SER D 15 31.58 -83.08 2.73
C SER D 15 31.98 -81.61 2.78
N TRP D 16 31.16 -80.82 3.45
CA TRP D 16 31.41 -79.40 3.54
C TRP D 16 31.15 -78.84 4.91
N GLU D 17 31.95 -77.87 5.26
CA GLU D 17 31.69 -77.12 6.47
C GLU D 17 32.01 -75.67 6.19
N VAL D 18 31.45 -74.77 6.99
CA VAL D 18 31.76 -73.35 6.88
C VAL D 18 32.86 -73.01 7.88
N THR D 19 33.58 -71.91 7.67
CA THR D 19 34.62 -71.56 8.63
C THR D 19 34.87 -70.07 8.77
N GLY D 20 35.69 -69.73 9.76
CA GLY D 20 36.17 -68.39 10.00
C GLY D 20 35.60 -67.29 9.13
N GLU D 21 36.40 -66.83 8.18
CA GLU D 21 35.97 -65.77 7.27
C GLU D 21 34.94 -66.27 6.27
N CYS D 22 34.00 -67.05 6.78
CA CYS D 22 32.95 -67.62 5.96
C CYS D 22 33.40 -68.10 4.60
N ASN D 23 34.34 -69.03 4.63
CA ASN D 23 34.68 -69.79 3.44
C ASN D 23 34.12 -71.19 3.59
N VAL D 24 33.72 -71.73 2.46
CA VAL D 24 33.33 -73.10 2.39
C VAL D 24 34.59 -73.92 2.16
N LEU D 25 34.91 -74.75 3.14
CA LEU D 25 35.98 -75.71 3.03
C LEU D 25 35.37 -77.06 2.73
N LEU D 26 35.88 -77.77 1.73
CA LEU D 26 35.44 -79.14 1.47
C LEU D 26 36.41 -80.14 2.07
N LYS D 27 35.92 -81.31 2.43
CA LYS D 27 36.80 -82.28 3.06
C LYS D 27 36.46 -83.72 2.82
N CYS D 28 37.32 -84.59 3.34
CA CYS D 28 37.29 -86.01 3.09
C CYS D 28 38.55 -86.58 3.67
N LYS D 29 38.49 -87.81 4.14
CA LYS D 29 39.69 -88.50 4.57
C LYS D 29 40.02 -89.48 3.47
N VAL D 30 41.30 -89.77 3.27
CA VAL D 30 41.69 -90.75 2.28
C VAL D 30 42.68 -91.68 2.90
N ALA D 31 42.68 -92.93 2.43
CA ALA D 31 43.64 -93.92 2.93
C ALA D 31 44.23 -94.81 1.82
N ASN D 32 45.40 -95.38 2.13
CA ASN D 32 46.11 -96.27 1.22
C ASN D 32 46.71 -95.46 0.09
N ILE D 33 47.71 -94.67 0.43
CA ILE D 33 48.18 -93.70 -0.53
C ILE D 33 49.67 -93.86 -0.77
N LYS D 34 50.01 -94.36 -1.93
CA LYS D 34 51.40 -94.47 -2.35
C LYS D 34 51.88 -93.03 -2.63
N LYS D 35 53.18 -92.82 -2.68
CA LYS D 35 53.73 -91.54 -3.15
C LYS D 35 53.08 -91.21 -4.48
N GLU D 36 53.37 -92.05 -5.47
CA GLU D 36 52.95 -91.85 -6.86
C GLU D 36 51.44 -91.75 -7.08
N THR D 37 50.66 -91.50 -6.03
CA THR D 37 49.22 -91.45 -6.20
C THR D 37 48.73 -90.12 -6.68
N HIS D 38 47.55 -90.15 -7.26
CA HIS D 38 46.95 -88.96 -7.82
C HIS D 38 45.74 -88.52 -7.05
N ILE D 39 45.77 -87.26 -6.64
CA ILE D 39 44.63 -86.59 -6.03
C ILE D 39 44.27 -85.35 -6.87
N VAL D 40 43.08 -85.40 -7.47
CA VAL D 40 42.67 -84.37 -8.41
C VAL D 40 41.23 -83.98 -8.15
N TRP D 41 40.96 -82.68 -8.09
CA TRP D 41 39.59 -82.20 -7.91
C TRP D 41 38.95 -81.70 -9.21
N TYR D 42 37.63 -81.76 -9.24
CA TYR D 42 36.91 -81.36 -10.44
C TYR D 42 35.60 -80.61 -10.11
N LYS D 43 35.40 -79.46 -10.75
CA LYS D 43 34.11 -78.79 -10.70
C LYS D 43 33.43 -79.00 -12.05
N ASP D 44 32.24 -79.59 -12.03
CA ASP D 44 31.52 -79.91 -13.26
C ASP D 44 32.40 -80.64 -14.27
N GLU D 45 32.99 -81.76 -13.86
CA GLU D 45 33.77 -82.61 -14.76
C GLU D 45 34.94 -81.87 -15.39
N ARG D 46 34.86 -80.55 -15.34
CA ARG D 46 35.95 -79.69 -15.73
C ARG D 46 36.92 -79.70 -14.56
N GLU D 47 38.19 -80.00 -14.82
CA GLU D 47 39.17 -80.12 -13.75
C GLU D 47 39.58 -78.78 -13.17
N ILE D 48 39.69 -78.75 -11.84
CA ILE D 48 40.33 -77.66 -11.12
C ILE D 48 41.85 -77.82 -11.23
N SER D 49 42.51 -77.01 -12.05
CA SER D 49 43.96 -77.13 -12.26
C SER D 49 44.80 -76.28 -11.30
N VAL D 50 44.52 -76.39 -10.00
CA VAL D 50 45.29 -75.64 -9.01
C VAL D 50 46.76 -76.02 -9.07
N ASP D 51 47.13 -77.07 -8.33
CA ASP D 51 48.54 -77.44 -8.23
C ASP D 51 48.78 -78.96 -8.21
N GLU D 52 49.97 -79.33 -7.76
CA GLU D 52 50.51 -80.69 -7.98
C GLU D 52 49.60 -81.87 -7.63
N LYS D 53 49.54 -82.82 -8.56
CA LYS D 53 48.86 -84.08 -8.37
C LYS D 53 49.87 -85.22 -8.46
N HIS D 54 50.85 -85.21 -7.55
CA HIS D 54 51.90 -86.23 -7.49
C HIS D 54 52.48 -86.31 -6.08
N ASP D 55 51.65 -86.05 -5.08
CA ASP D 55 52.12 -86.03 -3.71
C ASP D 55 50.97 -86.23 -2.73
N PHE D 56 51.26 -86.93 -1.64
CA PHE D 56 50.26 -87.16 -0.61
C PHE D 56 50.75 -88.16 0.43
N LYS D 57 50.06 -88.16 1.57
CA LYS D 57 50.45 -88.90 2.76
C LYS D 57 49.15 -89.32 3.43
N ASP D 58 48.82 -88.66 4.56
CA ASP D 58 47.54 -88.81 5.25
C ASP D 58 47.24 -87.58 6.12
N GLY D 59 46.00 -87.46 6.57
CA GLY D 59 44.94 -88.35 6.17
C GLY D 59 43.79 -87.56 5.58
N ILE D 60 43.71 -86.28 5.96
CA ILE D 60 42.63 -85.41 5.51
C ILE D 60 42.94 -84.76 4.16
N CYS D 61 41.90 -84.55 3.36
CA CYS D 61 42.07 -83.84 2.11
C CYS D 61 41.07 -82.74 1.93
N THR D 62 41.57 -81.51 1.85
CA THR D 62 40.69 -80.37 1.80
C THR D 62 40.92 -79.59 0.52
N LEU D 63 39.97 -78.72 0.20
CA LEU D 63 40.12 -77.73 -0.85
C LEU D 63 39.27 -76.60 -0.35
N LEU D 64 39.76 -75.38 -0.43
CA LEU D 64 38.99 -74.28 0.14
C LEU D 64 38.38 -73.40 -0.93
N ILE D 65 37.11 -73.11 -0.78
CA ILE D 65 36.51 -72.20 -1.71
C ILE D 65 36.54 -70.84 -1.11
N THR D 66 36.90 -69.85 -1.92
CA THR D 66 37.05 -68.48 -1.44
C THR D 66 36.04 -67.57 -2.10
N GLU D 67 35.74 -66.47 -1.43
CA GLU D 67 34.76 -65.49 -1.91
C GLU D 67 33.44 -66.15 -2.29
N PHE D 68 33.32 -67.42 -1.92
CA PHE D 68 32.12 -68.23 -2.12
C PHE D 68 30.86 -67.49 -2.55
N SER D 69 30.16 -68.04 -3.54
CA SER D 69 28.92 -67.46 -4.03
C SER D 69 28.24 -68.40 -5.00
N LYS D 70 27.27 -67.88 -5.73
CA LYS D 70 26.52 -68.65 -6.74
C LYS D 70 27.40 -69.31 -7.80
N LYS D 71 28.58 -68.75 -8.05
CA LYS D 71 29.49 -69.29 -9.08
C LYS D 71 30.00 -70.68 -8.66
N ASP D 72 30.60 -70.70 -7.48
CA ASP D 72 31.16 -71.92 -6.93
C ASP D 72 30.06 -72.91 -6.62
N ALA D 73 28.98 -72.91 -7.38
CA ALA D 73 28.00 -73.98 -7.24
C ALA D 73 28.29 -75.05 -8.28
N GLY D 74 27.49 -76.11 -8.31
CA GLY D 74 27.71 -77.20 -9.25
C GLY D 74 28.21 -78.46 -8.58
N ILE D 75 28.82 -79.36 -9.36
CA ILE D 75 29.22 -80.70 -8.89
C ILE D 75 30.73 -80.85 -8.73
N TYR D 76 31.16 -81.19 -7.51
CA TYR D 76 32.57 -81.36 -7.17
C TYR D 76 32.91 -82.83 -6.97
N GLU D 77 34.11 -83.23 -7.39
CA GLU D 77 34.56 -84.59 -7.18
C GLU D 77 36.06 -84.71 -7.07
N VAL D 78 36.48 -85.57 -6.15
CA VAL D 78 37.89 -85.85 -5.91
C VAL D 78 38.13 -87.22 -6.47
N ILE D 79 39.13 -87.35 -7.34
CA ILE D 79 39.38 -88.61 -8.01
C ILE D 79 40.75 -89.16 -7.67
N LEU D 80 40.79 -90.20 -6.85
CA LEU D 80 42.07 -90.82 -6.51
C LEU D 80 42.44 -91.88 -7.55
N LYS D 81 43.68 -91.82 -8.05
CA LYS D 81 44.16 -92.89 -8.90
C LYS D 81 45.66 -93.04 -8.91
N ASP D 82 46.09 -94.10 -9.58
CA ASP D 82 47.48 -94.46 -9.77
C ASP D 82 47.41 -95.88 -10.30
N ASP D 83 48.52 -96.40 -10.82
CA ASP D 83 48.49 -97.68 -11.53
C ASP D 83 47.68 -98.81 -10.89
N ARG D 84 47.50 -98.75 -9.57
CA ARG D 84 46.74 -99.81 -8.88
C ARG D 84 45.24 -99.79 -9.13
N GLY D 85 44.59 -98.64 -8.96
CA GLY D 85 43.15 -98.52 -9.12
C GLY D 85 42.66 -97.08 -9.17
N LYS D 86 41.35 -96.88 -9.08
CA LYS D 86 40.75 -95.53 -8.96
C LYS D 86 39.58 -95.55 -7.95
N ASP D 87 39.38 -94.46 -7.21
CA ASP D 87 38.16 -94.28 -6.43
C ASP D 87 37.68 -92.84 -6.62
N LYS D 88 36.39 -92.69 -6.89
CA LYS D 88 35.78 -91.38 -6.91
C LYS D 88 35.00 -91.16 -5.62
N SER D 89 35.04 -89.95 -5.09
CA SER D 89 34.01 -89.48 -4.16
C SER D 89 33.43 -88.21 -4.71
N ARG D 90 32.13 -88.26 -4.94
CA ARG D 90 31.38 -87.23 -5.62
C ARG D 90 30.54 -86.54 -4.55
N LEU D 91 30.45 -85.20 -4.60
CA LEU D 91 29.58 -84.40 -3.72
C LEU D 91 28.93 -83.30 -4.54
N LYS D 92 27.60 -83.20 -4.47
CA LYS D 92 26.82 -82.41 -5.44
C LYS D 92 26.15 -81.15 -4.88
N LEU D 93 26.48 -80.00 -5.45
CA LEU D 93 25.99 -78.73 -4.91
C LEU D 93 25.13 -77.97 -5.90
N VAL D 94 23.85 -78.33 -6.00
CA VAL D 94 22.91 -77.60 -6.84
C VAL D 94 21.64 -77.19 -6.08
N ASP D 95 20.57 -76.94 -6.83
CA ASP D 95 19.30 -76.61 -6.22
C ASP D 95 18.97 -77.49 -5.02
N GLU D 96 18.66 -76.85 -3.89
CA GLU D 96 18.18 -77.52 -2.68
C GLU D 96 19.26 -78.31 -1.96
N ALA D 97 20.41 -78.43 -2.60
CA ALA D 97 21.64 -78.81 -1.90
C ALA D 97 22.34 -77.51 -1.62
N PHE D 98 22.46 -76.70 -2.67
CA PHE D 98 23.20 -75.45 -2.62
C PHE D 98 22.45 -74.44 -1.78
N LYS D 99 21.15 -74.35 -1.99
CA LYS D 99 20.33 -73.43 -1.23
C LYS D 99 20.58 -73.65 0.26
N GLU D 100 20.67 -74.92 0.65
CA GLU D 100 20.98 -75.29 2.03
C GLU D 100 22.31 -74.67 2.47
N LEU D 101 23.24 -74.59 1.52
CA LEU D 101 24.59 -74.08 1.79
C LEU D 101 24.58 -72.56 1.88
N MET D 102 24.00 -71.90 0.89
CA MET D 102 24.00 -70.43 0.90
C MET D 102 23.46 -69.93 2.24
N MET D 103 22.23 -70.29 2.54
CA MET D 103 21.60 -69.85 3.78
C MET D 103 22.36 -70.34 5.00
N GLU D 104 23.39 -71.14 4.78
CA GLU D 104 24.18 -71.72 5.86
C GLU D 104 25.42 -70.89 6.13
N VAL D 105 25.91 -70.24 5.07
CA VAL D 105 27.00 -69.31 5.16
C VAL D 105 26.54 -68.05 5.88
N CYS D 106 25.37 -67.57 5.49
CA CYS D 106 24.84 -66.30 5.95
C CYS D 106 24.63 -66.22 7.45
N LYS D 107 24.15 -67.30 8.03
CA LYS D 107 24.04 -67.33 9.47
C LYS D 107 25.38 -66.85 10.03
N LYS D 108 26.47 -67.48 9.59
CA LYS D 108 27.81 -67.20 10.09
C LYS D 108 28.29 -65.81 9.74
N ILE D 109 27.90 -65.36 8.56
CA ILE D 109 28.08 -63.97 8.13
C ILE D 109 27.35 -63.02 9.05
N ALA D 110 26.06 -63.29 9.21
CA ALA D 110 25.13 -62.49 9.97
C ALA D 110 25.50 -62.38 11.46
N LEU D 111 26.03 -63.49 12.01
CA LEU D 111 26.51 -63.53 13.39
C LEU D 111 27.69 -62.59 13.67
N SER D 112 28.51 -62.39 12.65
CA SER D 112 29.58 -61.41 12.66
C SER D 112 29.06 -60.07 12.13
N ALA D 113 28.35 -59.31 12.98
CA ALA D 113 27.68 -58.09 12.54
C ALA D 113 27.74 -57.02 13.62
N THR D 114 28.88 -56.34 13.71
CA THR D 114 29.14 -55.39 14.80
C THR D 114 27.99 -54.44 15.06
N ASP D 115 27.48 -54.46 16.29
CA ASP D 115 26.29 -53.67 16.59
C ASP D 115 26.20 -52.37 15.80
N LEU D 116 24.96 -51.98 15.52
CA LEU D 116 24.71 -50.80 14.69
C LEU D 116 25.34 -49.60 15.36
N LYS D 117 26.10 -48.83 14.60
CA LYS D 117 26.79 -47.66 15.14
C LYS D 117 26.46 -46.39 14.34
N ILE D 118 26.68 -45.24 14.98
CA ILE D 118 26.36 -43.92 14.42
C ILE D 118 27.62 -43.16 14.01
N GLN D 119 27.61 -42.62 12.80
CA GLN D 119 28.79 -41.97 12.26
C GLN D 119 28.28 -40.94 11.28
N SER D 120 28.82 -39.72 11.34
CA SER D 120 28.32 -38.70 10.43
C SER D 120 29.38 -38.39 9.37
N THR D 121 28.95 -37.84 8.23
CA THR D 121 29.85 -37.53 7.15
C THR D 121 29.34 -36.23 6.63
N ALA D 122 29.93 -35.74 5.54
CA ALA D 122 29.53 -34.46 4.99
C ALA D 122 28.23 -34.54 4.20
N GLU D 123 27.71 -35.74 4.03
CA GLU D 123 26.53 -35.97 3.23
C GLU D 123 25.27 -36.00 4.05
N GLY D 124 25.42 -36.48 5.28
CA GLY D 124 24.33 -36.68 6.20
C GLY D 124 24.80 -37.45 7.43
N ILE D 125 23.90 -38.23 8.02
CA ILE D 125 24.28 -39.14 9.08
C ILE D 125 24.22 -40.51 8.48
N GLN D 126 24.98 -41.45 9.03
CA GLN D 126 25.09 -42.77 8.40
C GLN D 126 25.05 -43.96 9.39
N LEU D 127 24.34 -45.01 9.00
CA LEU D 127 24.08 -46.16 9.85
C LEU D 127 24.81 -47.41 9.33
N TYR D 128 25.86 -47.84 10.02
CA TYR D 128 26.66 -48.96 9.52
C TYR D 128 26.94 -50.03 10.57
N SER D 129 27.02 -51.25 10.07
CA SER D 129 27.44 -52.40 10.85
C SER D 129 28.43 -53.18 10.03
N PHE D 130 29.44 -53.72 10.69
CA PHE D 130 30.46 -54.48 10.00
C PHE D 130 30.21 -55.97 10.02
N VAL D 131 30.47 -56.60 8.89
CA VAL D 131 30.39 -58.05 8.82
C VAL D 131 31.72 -58.70 8.43
N THR D 132 32.05 -59.78 9.15
CA THR D 132 33.27 -60.54 8.95
C THR D 132 32.94 -61.94 8.47
N TYR D 133 32.66 -62.04 7.19
CA TYR D 133 32.87 -60.90 6.36
C TYR D 133 32.40 -61.15 4.98
N TYR D 134 31.16 -60.76 4.68
CA TYR D 134 30.81 -60.23 3.34
C TYR D 134 29.43 -60.47 2.78
N VAL D 135 28.87 -59.46 2.09
CA VAL D 135 27.52 -59.71 1.51
C VAL D 135 27.57 -60.81 0.39
N GLU D 136 26.38 -61.20 -0.06
CA GLU D 136 26.21 -62.18 -1.08
C GLU D 136 24.71 -62.22 -1.36
N ASP D 137 24.19 -63.45 -1.27
CA ASP D 137 22.77 -63.76 -1.36
C ASP D 137 22.20 -63.69 0.05
N LEU D 138 22.50 -62.58 0.72
CA LEU D 138 22.01 -62.30 2.05
C LEU D 138 21.14 -61.06 1.94
N LYS D 139 19.97 -61.18 1.32
CA LYS D 139 19.14 -60.00 1.11
C LYS D 139 19.04 -59.18 2.40
N VAL D 140 18.94 -57.86 2.25
CA VAL D 140 19.08 -56.95 3.39
C VAL D 140 17.94 -55.90 3.49
N ASN D 141 17.49 -55.61 4.73
CA ASN D 141 16.33 -54.74 4.98
C ASN D 141 16.41 -53.86 6.24
N TRP D 142 15.68 -52.74 6.22
CA TRP D 142 15.73 -51.74 7.29
C TRP D 142 14.36 -51.22 7.76
N SER D 143 14.29 -50.88 9.04
CA SER D 143 13.04 -50.43 9.66
C SER D 143 13.23 -49.15 10.48
N HIS D 144 12.44 -48.14 10.14
CA HIS D 144 12.44 -46.90 10.90
C HIS D 144 11.16 -46.89 11.70
N ASN D 145 11.27 -47.18 13.00
CA ASN D 145 10.10 -47.18 13.89
C ASN D 145 9.06 -48.25 13.56
N GLY D 146 9.51 -49.36 12.99
CA GLY D 146 8.63 -50.48 12.75
C GLY D 146 7.98 -50.45 11.38
N SER D 147 8.49 -49.61 10.49
CA SER D 147 8.01 -49.64 9.12
C SER D 147 9.17 -49.68 8.13
N ALA D 148 8.87 -50.17 6.94
CA ALA D 148 9.84 -50.25 5.88
C ALA D 148 10.32 -48.83 5.61
N ILE D 149 11.46 -48.70 4.95
CA ILE D 149 11.96 -47.37 4.65
C ILE D 149 11.84 -47.03 3.17
N ARG D 150 11.09 -45.98 2.86
CA ARG D 150 10.90 -45.59 1.47
C ARG D 150 12.19 -45.06 0.89
N TYR D 151 12.69 -45.73 -0.14
CA TYR D 151 14.00 -45.39 -0.62
C TYR D 151 14.02 -44.28 -1.67
N SER D 152 14.96 -43.37 -1.49
CA SER D 152 14.99 -42.11 -2.20
C SER D 152 16.38 -41.71 -2.63
N ASP D 153 16.56 -40.40 -2.80
CA ASP D 153 17.81 -39.83 -3.20
C ASP D 153 18.40 -39.12 -1.98
N ARG D 154 17.62 -39.04 -0.90
CA ARG D 154 18.04 -38.34 0.33
C ARG D 154 18.42 -39.40 1.34
N VAL D 155 17.83 -40.57 1.20
CA VAL D 155 18.19 -41.66 2.07
C VAL D 155 18.26 -42.97 1.29
N LYS D 156 19.45 -43.54 1.31
CA LYS D 156 19.76 -44.71 0.53
C LYS D 156 20.27 -45.77 1.46
N THR D 157 20.22 -47.00 0.97
CA THR D 157 20.87 -48.11 1.63
C THR D 157 22.04 -48.49 0.77
N GLY D 158 22.84 -49.42 1.27
CA GLY D 158 23.92 -49.93 0.47
C GLY D 158 24.85 -50.76 1.28
N VAL D 159 25.86 -51.28 0.57
CA VAL D 159 26.92 -52.13 1.13
C VAL D 159 28.22 -51.83 0.42
N THR D 160 29.30 -52.19 1.10
CA THR D 160 30.66 -51.81 0.74
C THR D 160 31.63 -52.79 1.39
N GLY D 161 32.04 -53.81 0.64
CA GLY D 161 33.11 -54.67 1.09
C GLY D 161 32.68 -55.48 2.28
N GLU D 162 32.84 -54.92 3.48
CA GLU D 162 32.32 -55.59 4.67
C GLU D 162 31.48 -54.64 5.52
N GLN D 163 31.09 -53.54 4.90
CA GLN D 163 30.29 -52.51 5.54
C GLN D 163 28.86 -52.47 5.03
N ILE D 164 27.92 -52.53 5.97
CA ILE D 164 26.54 -52.43 5.59
C ILE D 164 26.05 -51.14 6.13
N TRP D 165 25.53 -50.32 5.26
CA TRP D 165 25.21 -48.98 5.71
C TRP D 165 23.85 -48.51 5.23
N LEU D 166 23.29 -47.66 6.09
CA LEU D 166 22.15 -46.84 5.80
C LEU D 166 22.65 -45.39 5.86
N GLN D 167 22.33 -44.60 4.85
CA GLN D 167 22.76 -43.22 4.87
C GLN D 167 21.54 -42.36 4.91
N ILE D 168 21.76 -41.07 5.06
CA ILE D 168 20.70 -40.19 5.44
C ILE D 168 21.04 -38.74 5.06
N ASN D 169 21.22 -38.48 3.76
CA ASN D 169 21.54 -37.14 3.32
C ASN D 169 20.60 -36.08 3.86
N GLU D 170 21.17 -35.04 4.43
CA GLU D 170 20.38 -33.95 4.93
C GLU D 170 19.43 -34.42 5.97
N PRO D 171 19.98 -35.01 7.04
CA PRO D 171 19.11 -35.44 8.14
C PRO D 171 18.42 -34.22 8.72
N THR D 172 17.34 -34.52 9.42
CA THR D 172 16.55 -33.53 10.11
C THR D 172 15.95 -34.33 11.22
N PRO D 173 15.36 -33.64 12.19
CA PRO D 173 14.57 -34.27 13.25
C PRO D 173 13.56 -35.31 12.79
N ASN D 174 12.83 -35.12 11.70
CA ASN D 174 11.92 -36.17 11.22
C ASN D 174 12.62 -37.53 11.09
N ASP D 175 13.95 -37.53 11.00
CA ASP D 175 14.75 -38.73 10.71
C ASP D 175 15.24 -39.48 11.96
N LYS D 176 15.08 -38.88 13.13
CA LYS D 176 15.36 -39.57 14.39
C LYS D 176 14.37 -40.70 14.53
N GLY D 177 14.67 -41.63 15.41
CA GLY D 177 13.80 -42.78 15.62
C GLY D 177 14.52 -44.10 15.72
N LYS D 178 13.76 -45.20 15.68
CA LYS D 178 14.35 -46.52 15.83
C LYS D 178 14.68 -47.13 14.50
N TYR D 179 15.91 -47.59 14.39
CA TYR D 179 16.40 -48.12 13.16
C TYR D 179 16.76 -49.58 13.41
N VAL D 180 16.33 -50.48 12.52
CA VAL D 180 16.71 -51.89 12.64
C VAL D 180 17.11 -52.58 11.30
N MET D 181 18.05 -53.54 11.42
CA MET D 181 18.59 -54.32 10.29
C MET D 181 18.00 -55.72 10.17
N GLU D 182 17.53 -56.08 8.98
CA GLU D 182 17.05 -57.44 8.72
C GLU D 182 17.92 -58.18 7.70
N LEU D 183 18.83 -58.98 8.21
CA LEU D 183 19.66 -59.82 7.38
C LEU D 183 18.93 -61.15 7.21
N PHE D 184 18.72 -61.53 5.97
CA PHE D 184 17.86 -62.65 5.64
C PHE D 184 18.62 -63.68 4.81
N ASP D 185 18.88 -64.83 5.41
CA ASP D 185 19.69 -65.85 4.75
C ASP D 185 18.92 -66.66 3.69
N GLY D 186 17.66 -66.98 4.02
CA GLY D 186 16.78 -67.75 3.16
C GLY D 186 15.65 -68.35 3.98
N LYS D 187 15.96 -68.72 5.22
CA LYS D 187 14.99 -69.40 6.09
C LYS D 187 14.71 -68.55 7.32
N THR D 188 15.78 -68.07 7.94
CA THR D 188 15.71 -67.30 9.16
C THR D 188 15.86 -65.81 8.86
N GLY D 189 15.78 -65.01 9.91
CA GLY D 189 16.10 -63.59 9.82
C GLY D 189 16.92 -63.20 11.03
N HIS D 190 17.65 -62.09 10.93
CA HIS D 190 18.47 -61.63 12.05
C HIS D 190 18.40 -60.12 12.14
N GLN D 191 18.35 -59.60 13.37
CA GLN D 191 18.22 -58.16 13.56
C GLN D 191 19.33 -57.60 14.45
N LYS D 192 19.69 -56.34 14.21
CA LYS D 192 20.55 -55.58 15.12
C LYS D 192 20.05 -54.13 15.09
N THR D 193 20.13 -53.44 16.23
CA THR D 193 19.48 -52.14 16.32
C THR D 193 20.29 -50.99 16.93
N VAL D 194 19.68 -49.79 16.89
CA VAL D 194 20.21 -48.53 17.45
C VAL D 194 19.21 -47.35 17.36
N ASP D 195 19.34 -46.41 18.30
CA ASP D 195 18.34 -45.34 18.42
C ASP D 195 18.90 -43.94 18.22
N LEU D 196 18.60 -43.39 17.05
CA LEU D 196 19.07 -42.07 16.65
C LEU D 196 18.23 -41.01 17.35
N SER D 197 18.70 -40.56 18.51
CA SER D 197 17.88 -39.69 19.33
C SER D 197 18.68 -38.84 20.31
N GLY D 198 18.11 -37.67 20.61
CA GLY D 198 18.72 -36.72 21.53
C GLY D 198 20.23 -36.73 21.45
N GLN D 199 20.85 -36.66 22.62
CA GLN D 199 22.30 -36.80 22.80
C GLN D 199 23.08 -37.18 21.51
N ALA D 200 23.24 -38.49 21.28
CA ALA D 200 23.96 -39.01 20.10
C ALA D 200 23.70 -38.18 18.84
N TYR D 201 22.43 -38.03 18.53
CA TYR D 201 21.95 -37.32 17.36
C TYR D 201 22.39 -35.86 17.34
N ASP D 202 21.98 -35.12 18.35
CA ASP D 202 22.36 -33.72 18.41
C ASP D 202 23.85 -33.61 18.14
N GLU D 203 24.57 -34.67 18.48
CA GLU D 203 26.02 -34.65 18.38
C GLU D 203 26.54 -35.10 17.01
N ALA D 204 25.69 -35.80 16.25
CA ALA D 204 26.04 -36.28 14.93
C ALA D 204 25.71 -35.18 13.97
N TYR D 205 24.48 -34.68 14.10
CA TYR D 205 24.05 -33.57 13.27
C TYR D 205 25.01 -32.44 13.54
N ALA D 206 25.72 -32.54 14.64
CA ALA D 206 26.80 -31.62 14.94
C ALA D 206 27.95 -31.71 13.95
N GLU D 207 28.69 -32.80 14.00
CA GLU D 207 29.88 -32.94 13.18
C GLU D 207 29.48 -33.07 11.74
N PHE D 208 28.23 -33.46 11.52
CA PHE D 208 27.73 -33.39 10.16
C PHE D 208 27.82 -31.96 9.65
N GLN D 209 27.06 -31.07 10.25
CA GLN D 209 27.18 -29.68 9.92
C GLN D 209 28.65 -29.31 9.74
N ARG D 210 29.52 -29.65 10.71
CA ARG D 210 30.96 -29.29 10.63
C ARG D 210 31.51 -29.64 9.29
N LEU D 211 31.32 -30.90 8.95
CA LEU D 211 31.99 -31.49 7.85
C LEU D 211 31.55 -30.80 6.60
N LYS D 212 30.24 -30.70 6.42
CA LYS D 212 29.71 -30.02 5.25
C LYS D 212 30.19 -28.57 5.10
N GLN D 213 30.12 -27.77 6.16
CA GLN D 213 30.60 -26.39 6.04
C GLN D 213 32.05 -26.50 5.56
N ALA D 214 32.92 -27.09 6.36
CA ALA D 214 34.33 -27.26 5.97
C ALA D 214 34.59 -27.83 4.59
N ALA D 215 33.65 -28.65 4.10
CA ALA D 215 33.84 -29.37 2.85
C ALA D 215 33.30 -28.60 1.63
N ILE D 216 32.23 -27.87 1.84
CA ILE D 216 31.84 -26.85 0.89
C ILE D 216 33.00 -25.88 0.75
N ALA D 217 33.64 -25.60 1.86
CA ALA D 217 34.66 -24.61 1.87
C ALA D 217 35.86 -25.14 1.15
N GLU D 218 36.31 -26.33 1.52
CA GLU D 218 37.56 -26.86 0.97
C GLU D 218 37.45 -27.24 -0.53
N LYS D 219 36.38 -26.81 -1.15
CA LYS D 219 36.12 -27.03 -2.57
C LYS D 219 36.19 -25.75 -3.43
N ASN D 220 35.60 -24.65 -2.95
CA ASN D 220 35.62 -23.41 -3.71
C ASN D 220 36.59 -22.34 -3.15
N ARG D 221 37.37 -22.72 -2.16
CA ARG D 221 38.44 -21.84 -1.73
C ARG D 221 39.25 -21.55 -2.95
N ALA D 222 39.78 -20.33 -3.00
CA ALA D 222 40.60 -19.92 -4.11
C ALA D 222 41.80 -20.80 -4.07
N ARG D 223 42.54 -20.87 -5.16
CA ARG D 223 43.60 -21.82 -5.22
C ARG D 223 44.51 -21.59 -6.39
N VAL D 224 45.78 -21.49 -6.12
CA VAL D 224 46.71 -21.40 -7.21
C VAL D 224 46.92 -22.80 -7.69
N LEU D 225 46.69 -23.02 -8.98
CA LEU D 225 46.79 -24.36 -9.53
C LEU D 225 48.17 -24.75 -10.05
N GLY D 226 48.94 -23.78 -10.54
CA GLY D 226 50.29 -24.03 -11.01
C GLY D 226 50.72 -23.22 -12.21
N GLY D 227 52.03 -23.02 -12.33
CA GLY D 227 52.62 -22.34 -13.48
C GLY D 227 53.77 -21.39 -13.21
N LEU D 228 53.95 -21.07 -11.94
CA LEU D 228 55.10 -20.29 -11.54
C LEU D 228 56.12 -21.30 -11.08
N PRO D 229 57.40 -20.93 -11.15
CA PRO D 229 58.55 -21.64 -10.62
C PRO D 229 58.82 -21.12 -9.22
N ASP D 230 59.93 -21.51 -8.64
CA ASP D 230 60.18 -21.14 -7.26
C ASP D 230 61.26 -20.10 -7.33
N VAL D 231 62.16 -20.29 -8.30
CA VAL D 231 63.18 -19.31 -8.71
C VAL D 231 63.41 -19.27 -10.21
N VAL D 232 63.55 -18.07 -10.77
CA VAL D 232 63.88 -17.89 -12.16
C VAL D 232 65.13 -17.13 -12.10
N THR D 233 65.94 -17.28 -13.11
CA THR D 233 67.24 -16.66 -13.12
C THR D 233 67.46 -16.24 -14.53
N ILE D 234 67.69 -14.95 -14.71
CA ILE D 234 67.64 -14.40 -16.06
C ILE D 234 68.73 -13.41 -16.27
N GLN D 235 69.12 -13.24 -17.51
CA GLN D 235 70.19 -12.34 -17.83
C GLN D 235 69.62 -10.95 -17.86
N GLU D 236 70.36 -9.98 -17.33
CA GLU D 236 69.91 -8.60 -17.26
C GLU D 236 69.49 -8.08 -18.61
N GLY D 237 68.36 -7.42 -18.65
CA GLY D 237 67.88 -6.78 -19.85
C GLY D 237 66.83 -7.58 -20.62
N LYS D 238 66.91 -8.89 -20.47
CA LYS D 238 65.99 -9.76 -21.17
C LYS D 238 64.59 -9.53 -20.67
N ALA D 239 63.62 -10.06 -21.40
CA ALA D 239 62.22 -9.94 -21.01
C ALA D 239 61.78 -11.26 -20.43
N LEU D 240 60.68 -11.23 -19.66
CA LEU D 240 60.25 -12.36 -18.87
C LEU D 240 58.75 -12.52 -18.85
N ASN D 241 58.27 -13.71 -19.14
CA ASN D 241 56.84 -14.01 -19.15
C ASN D 241 56.48 -15.14 -18.22
N LEU D 242 55.85 -14.84 -17.10
CA LEU D 242 55.27 -15.91 -16.27
C LEU D 242 53.74 -15.92 -16.36
N THR D 243 53.17 -17.09 -16.06
CA THR D 243 51.77 -17.32 -16.32
C THR D 243 51.35 -18.22 -15.25
N CYS D 244 50.17 -18.02 -14.72
CA CYS D 244 49.79 -18.75 -13.55
C CYS D 244 48.30 -18.91 -13.48
N ASN D 245 47.83 -20.15 -13.44
CA ASN D 245 46.40 -20.38 -13.40
C ASN D 245 45.83 -20.51 -11.99
N VAL D 246 44.71 -19.83 -11.78
CA VAL D 246 44.05 -19.90 -10.51
C VAL D 246 42.64 -20.36 -10.72
N TRP D 247 41.94 -20.49 -9.61
CA TRP D 247 40.56 -20.90 -9.63
C TRP D 247 39.92 -20.58 -8.31
N GLY D 248 38.62 -20.31 -8.37
CA GLY D 248 37.79 -20.23 -7.19
C GLY D 248 36.35 -20.06 -7.60
N ASP D 249 35.43 -20.18 -6.66
CA ASP D 249 34.03 -20.05 -6.99
C ASP D 249 33.33 -19.50 -5.77
N PRO D 250 33.15 -18.17 -5.70
CA PRO D 250 33.30 -17.11 -6.69
C PRO D 250 34.69 -16.96 -7.21
N PRO D 251 34.81 -16.54 -8.47
CA PRO D 251 36.08 -16.12 -9.06
C PRO D 251 36.82 -15.34 -8.04
N PRO D 252 38.11 -15.43 -8.10
CA PRO D 252 38.91 -14.91 -6.99
C PRO D 252 39.48 -13.59 -7.36
N GLU D 253 40.04 -12.93 -6.36
CA GLU D 253 40.77 -11.69 -6.55
C GLU D 253 42.22 -12.03 -6.40
N VAL D 254 43.00 -11.64 -7.39
CA VAL D 254 44.43 -11.83 -7.36
C VAL D 254 45.12 -10.54 -6.94
N SER D 255 46.28 -10.66 -6.32
CA SER D 255 47.00 -9.47 -5.94
C SER D 255 48.48 -9.79 -5.93
N TRP D 256 49.28 -8.89 -6.46
CA TRP D 256 50.69 -9.20 -6.51
C TRP D 256 51.45 -8.53 -5.35
N LEU D 257 52.62 -9.08 -5.02
CA LEU D 257 53.46 -8.59 -3.95
C LEU D 257 54.90 -8.76 -4.29
N LYS D 258 55.64 -7.67 -4.39
CA LYS D 258 57.09 -7.76 -4.54
C LYS D 258 57.78 -7.37 -3.25
N ASN D 259 58.60 -8.27 -2.75
CA ASN D 259 59.35 -7.99 -1.53
C ASN D 259 58.43 -7.65 -0.33
N GLU D 260 57.24 -8.22 -0.36
CA GLU D 260 56.36 -8.20 0.80
C GLU D 260 55.66 -6.91 0.97
N LYS D 261 55.58 -6.15 -0.08
CA LYS D 261 54.59 -5.13 -0.10
C LYS D 261 53.90 -5.21 -1.43
N ALA D 262 52.84 -4.45 -1.58
CA ALA D 262 52.05 -4.50 -2.78
C ALA D 262 52.90 -4.02 -3.92
N LEU D 263 52.47 -4.40 -5.11
CA LEU D 263 53.17 -4.15 -6.35
C LEU D 263 52.15 -3.57 -7.31
N ALA D 264 52.51 -2.53 -8.03
CA ALA D 264 51.58 -1.96 -9.01
C ALA D 264 51.78 -2.51 -10.42
N SER D 265 50.48 -2.75 -11.03
CA SER D 265 50.47 -2.96 -12.47
C SER D 265 50.88 -1.65 -13.09
N ASP D 266 51.50 -1.73 -14.24
CA ASP D 266 52.13 -0.67 -14.97
C ASP D 266 52.76 -0.99 -16.28
N ASP D 267 53.48 -0.10 -16.91
CA ASP D 267 53.93 -0.36 -18.27
C ASP D 267 55.16 -1.25 -18.30
N HIS D 268 55.98 -1.19 -17.26
CA HIS D 268 57.23 -1.95 -17.27
C HIS D 268 57.14 -3.22 -16.52
N CYS D 269 56.18 -3.33 -15.63
CA CYS D 269 56.03 -4.58 -14.91
C CYS D 269 54.55 -4.93 -14.91
N ASN D 270 54.04 -5.34 -16.05
CA ASN D 270 52.61 -5.46 -16.27
C ASN D 270 51.95 -6.76 -15.77
N LEU D 271 50.99 -6.61 -14.88
CA LEU D 271 50.21 -7.75 -14.41
C LEU D 271 48.88 -7.78 -15.12
N LYS D 272 48.49 -8.92 -15.64
CA LYS D 272 47.11 -9.07 -16.06
C LYS D 272 46.44 -10.13 -15.23
N PHE D 273 45.14 -10.23 -15.46
CA PHE D 273 44.30 -11.24 -14.85
C PHE D 273 43.12 -11.44 -15.78
N GLU D 274 42.63 -12.66 -15.93
CA GLU D 274 41.63 -12.90 -16.97
C GLU D 274 40.69 -14.08 -16.70
N ALA D 275 39.39 -13.86 -16.91
CA ALA D 275 38.32 -14.85 -16.62
C ALA D 275 38.24 -15.22 -15.13
N GLY D 276 39.16 -14.69 -14.34
CA GLY D 276 39.39 -15.20 -13.01
C GLY D 276 39.92 -16.61 -13.15
N ARG D 277 40.91 -16.75 -14.02
CA ARG D 277 41.43 -18.06 -14.38
C ARG D 277 42.93 -18.00 -14.55
N THR D 278 43.45 -16.82 -14.91
CA THR D 278 44.84 -16.71 -15.35
C THR D 278 45.57 -15.39 -15.03
N ALA D 279 46.54 -15.44 -14.14
CA ALA D 279 47.30 -14.26 -13.83
C ALA D 279 48.48 -14.14 -14.78
N TYR D 280 48.87 -12.93 -15.15
CA TYR D 280 49.94 -12.80 -16.14
C TYR D 280 51.11 -11.83 -15.76
N PHE D 281 52.11 -12.34 -15.06
CA PHE D 281 53.27 -11.55 -14.70
C PHE D 281 54.18 -11.40 -15.89
N THR D 282 54.77 -10.20 -16.08
CA THR D 282 55.50 -9.82 -17.32
C THR D 282 56.45 -8.60 -17.19
N ILE D 283 57.71 -8.77 -17.53
CA ILE D 283 58.68 -7.69 -17.35
C ILE D 283 59.31 -7.33 -18.70
N ASN D 284 59.12 -6.11 -19.19
CA ASN D 284 59.71 -5.76 -20.49
C ASN D 284 61.13 -5.32 -20.46
N GLY D 285 61.90 -5.94 -19.58
CA GLY D 285 63.35 -5.84 -19.58
C GLY D 285 63.87 -5.95 -18.16
N VAL D 286 64.16 -7.17 -17.73
CA VAL D 286 64.41 -7.34 -16.31
C VAL D 286 65.70 -6.64 -15.97
N SER D 287 65.61 -5.56 -15.20
CA SER D 287 66.81 -4.89 -14.71
C SER D 287 67.03 -5.35 -13.29
N THR D 288 68.27 -5.35 -12.82
CA THR D 288 68.54 -5.74 -11.44
C THR D 288 67.49 -5.28 -10.45
N ALA D 289 66.97 -4.08 -10.65
CA ALA D 289 65.99 -3.53 -9.73
C ALA D 289 64.67 -4.24 -9.89
N ASP D 290 64.63 -5.24 -10.73
CA ASP D 290 63.38 -5.93 -10.93
C ASP D 290 63.51 -7.27 -10.30
N SER D 291 64.71 -7.55 -9.85
CA SER D 291 64.94 -8.72 -9.04
C SER D 291 64.32 -8.51 -7.66
N GLY D 292 64.31 -9.57 -6.84
CA GLY D 292 63.69 -9.52 -5.51
C GLY D 292 62.76 -10.71 -5.40
N LYS D 293 61.92 -10.75 -4.36
CA LYS D 293 60.94 -11.83 -4.21
C LYS D 293 59.49 -11.45 -4.39
N TYR D 294 58.87 -12.08 -5.38
CA TYR D 294 57.49 -11.79 -5.70
C TYR D 294 56.58 -12.86 -5.10
N GLY D 295 55.31 -12.52 -4.98
CA GLY D 295 54.30 -13.45 -4.54
C GLY D 295 53.00 -13.13 -5.25
N LEU D 296 52.24 -14.16 -5.64
CA LEU D 296 50.88 -13.93 -6.13
C LEU D 296 49.94 -14.54 -5.13
N VAL D 297 48.79 -13.89 -4.93
CA VAL D 297 47.89 -14.18 -3.83
C VAL D 297 46.44 -14.10 -4.28
N VAL D 298 45.83 -15.24 -4.50
CA VAL D 298 44.44 -15.28 -4.89
C VAL D 298 43.60 -15.44 -3.64
N LYS D 299 42.42 -14.85 -3.61
CA LYS D 299 41.53 -15.08 -2.48
C LYS D 299 40.08 -14.77 -2.82
N ASN D 300 39.19 -15.64 -2.34
CA ASN D 300 37.76 -15.43 -2.40
C ASN D 300 37.14 -15.63 -1.02
N LYS D 301 35.82 -15.71 -0.95
CA LYS D 301 35.17 -15.85 0.36
C LYS D 301 35.54 -17.10 1.14
N TYR D 302 35.78 -18.21 0.47
CA TYR D 302 36.06 -19.44 1.20
C TYR D 302 37.53 -19.64 1.55
N GLY D 303 38.43 -18.87 0.95
CA GLY D 303 39.83 -18.96 1.37
C GLY D 303 40.88 -18.15 0.63
N SER D 304 42.08 -18.12 1.22
CA SER D 304 43.21 -17.53 0.51
C SER D 304 44.21 -18.61 0.08
N GLU D 305 45.35 -18.12 -0.42
CA GLU D 305 46.45 -18.94 -0.94
C GLU D 305 47.40 -18.08 -1.80
N THR D 306 48.71 -18.25 -1.62
CA THR D 306 49.73 -17.50 -2.35
C THR D 306 50.69 -18.40 -3.11
N SER D 307 51.48 -17.76 -3.95
CA SER D 307 52.41 -18.44 -4.80
C SER D 307 53.64 -17.58 -4.85
N ASP D 308 54.78 -18.13 -4.46
CA ASP D 308 55.96 -17.33 -4.20
C ASP D 308 57.14 -17.65 -5.07
N PHE D 309 57.65 -16.66 -5.77
CA PHE D 309 58.81 -16.89 -6.63
C PHE D 309 59.81 -15.79 -6.56
N THR D 310 60.98 -16.02 -7.17
CA THR D 310 62.11 -15.12 -7.02
C THR D 310 62.79 -14.90 -8.31
N VAL D 311 62.83 -13.68 -8.78
CA VAL D 311 63.57 -13.40 -9.97
C VAL D 311 64.93 -12.93 -9.59
N SER D 312 65.93 -13.77 -9.73
CA SER D 312 67.29 -13.29 -9.54
C SER D 312 67.89 -13.06 -10.92
N VAL D 313 68.88 -12.21 -10.96
CA VAL D 313 69.34 -11.68 -12.22
C VAL D 313 70.82 -11.64 -12.20
N PHE D 314 71.43 -11.89 -13.35
CA PHE D 314 72.87 -11.75 -13.46
C PHE D 314 73.15 -10.86 -14.65
N ILE D 315 74.20 -10.05 -14.54
CA ILE D 315 74.60 -9.10 -15.56
C ILE D 315 75.68 -9.70 -16.43
N PRO D 316 75.34 -9.97 -17.70
CA PRO D 316 75.91 -10.96 -18.61
C PRO D 316 77.33 -11.37 -18.25
#